data_2FTC
#
_entry.id   2FTC
#
loop_
_entity.id
_entity.type
_entity.pdbx_description
1 polymer 'Mitochondrial 16S ribosomal RNA'
2 polymer 'Mitochondrial ribosomal protein L1'
3 polymer 'mitochondrial ribosomal protein L2'
4 polymer 'Mitochondrial 39S ribosomal protein L3'
5 polymer 'mitochondrial ribosomal protein L4 isoform a'
6 polymer '39S ribosomal protein L12, mitochondrial'
7 polymer '39S ribosomal protein L11, mitochondrial'
8 polymer '39S ribosomal protein L13, mitochondrial'
9 polymer 'Mitochondrial ribosomal protein L16'
10 polymer 'Mitochondrial ribosomal protein L17'
11 polymer '39S ribosomal protein L19, mitochondrial'
12 polymer 'MRPL20 protein'
13 polymer 'mitochondrial ribosomal protein L22 isoform a'
14 polymer 'mitochondrial ribosomal protein L24'
15 polymer 'Mitochondrial 39S ribosomal protein L27'
16 polymer 'mitochondrial ribosomal protein L33 isoform a'
17 polymer '39S ribosomal protein L34, mitochondrial'
#
loop_
_entity_poly.entity_id
_entity_poly.type
_entity_poly.pdbx_seq_one_letter_code
_entity_poly.pdbx_strand_id
1 'polyribonucleotide'
;ACUAGACCUAGCCCAAAGAUACCCUCUCGACUAAACAACCAAGAUAGAAUAAAACAAAACAUUUAAUCCCAAUUUAAAGU
AUAGGAGAUAGAAAUCUAAGUACGGCGCUAUAGAGAAAGUACCGCAAGGGAACGAUGAAAGAAAAAAACUAAAAGUAUAA
AAAAGCAAAGAUUACCCCUUGUACCUUUUGCAUAAUGAAUUAACUAGUAUAAGACUUAACAAAAUGAAUUUUAGCUAAGC
AGCCCGAAACCAGACGAGCUACUCACAAACAGUUUACCAAGAACUAACUCAUCUAUGUGGCAAAAUAGUGAGAAGAUUUG
UAAGUAGAGGUGACAUGCCUAACGAGCCUGGUGAUAGCUGGUUGUCCAGAAAAUGAAUCUAAGUUCAGCUUUAAAGAUAC
CAAAAAUUCAAAUAAACCCCACUGUAGCUUUAAAAGUUAGUCUAAAAAGGUACAGCCUUUUAGAAACGGAUACAACCUUG
ACUAGAGAGUAAAAUUUAACACUACCAUAGUAGGCCUAAAAGCAGCCAUCAAUUAAGAAAGCGUUAAAGCUCAACAACAA
AAAUUAAAUAGAUUCCAACAACAAAUGAUUAACUCCUAGCCCCAAUACUGGACUAAUCUAUUAUAGAAUAGAAGCAAUAA
UGUUAAUAUGAGUAACAAGAAAAAUUUUCUCCUUGCAUAAGUCUAAGUCAGUGCCUGAUAAUACUCUGACCACUAACAGU
CAAUAAAAAUAAUCCAACAAUAAACAAUUUAUUGAUUAUACUGUUAACCCAACACAGGAGUGCAUCUAAGGAAAGAUUAA
AAGAAGUAAAAGGAACUCGGCAAACACAAACCCCGCCUGUUUACCAAAAACAUCACCUCCAGCAUUCCCAGUAUUGGAGG
CAUUGCCUGCCCAGUGACAACUGUUUAACGGCCGCGGUAUCCUGACCGUGCAAAGGUAGCAUAAUCAUUUGUUCUCUAAA
UAAGGACUUGUAUGAAUGGCCGCACGAGGGUUUUACUGUCUCUUACUUCCAAUCAGUGAAAUUGACCUUCCCGUGAAGAG
GCGGGAAUGCACAAAUAAGACGAGAAGACCCUAUGGAGCUUUAACUAACCAACCCAAAGAGAAUAGAUUUAACCAUUAAG
GAAUAACAACAAUCUCCAUGAGUUGGUAGUUUCGGUUGGGGUGACCUCGGAGAAUAAAAAAUCCUCCGAGCGAUUUUAAA
GACUAGACCCACAAGUCAAAUCACUCUAUCGCUCAUUGAUCCAAAAACUUGAUCAACGGAACAAGUUACCCUAGGGAUAA
CAGCGCAAUCCUAUUCAAGAGUCCAUAUCGACAAUAGGGUUUACGACCUCGAUGUUGGAUCAGGACAUCCUGAUGGUGCA
ACCGCUAUCAAAGGUUCGUUUGUUCAACGAUUAAAGUCCUACGUGAUCUGAGUUCAGACCGGAGUAAUCCAGGUCGGUUU
CUAUCUAUUACGUAUUUCUCCCAGUACGAAAGGACAAGAGAAAUAAGGCCAACUUUAAAUCAAGCGCCUUAAGACAACCA
AUGAUAACAUCUCAACUGACAACACAAAACCCUGCCCUAGAACAGGGC
;
R
2 'polypeptide(L)'
;LDLTLDMALGKKKNVEPFTSVLSLPYPFASEINKVAVFTENASEVKIAEENGAAFAGGTSLIQKIWDDEIVADFYVAVPE
IMPELNRLRKKLNKKYPKLSRNSIGRDIPKMLELFKNGHEIKVDEERENFLQTKIATLDMSSDQIAANLQAVINEVCRHR
PLNLGPFVVRAFLRSSTSEGLLLKIDPLL
;
A
3 'polypeptide(L)'
;VIQVRYDPCRSADIALVAGGSRKRWIIATENMQAGDTILNSNHIGRMAVAAREGDAHPLGALPVGTLINNVESEPGRGAQ
YIRAAGTCGVLLRKVNGTAIIQLPSKRQMQVLETCVATVGRVSNVDHNKRVIGKAG
;
B
4 'polypeptide(L)'
;RVGLIALKLGMMPLWTKDGQKHVVTLLQVQDCHVLKYTSKENCNGKMATLSVGGKTVSRFRKATSILEFYRELGLPPKQT
VKIFNITDNAAIKPGTPLYAAHFRPGQYVDVTAKTIGKGFQGVMKRWGFKGQPATHGQTKTHRRPGAVATGDIGRVWPGT
KMPGKMGNIYRTEYGLKVWRINTKHNIIYVNGSVPGHKNCLVKVKDSKLPA
;
C
5 'polypeptide(L)'
;HQVAMWQKNFKRISYAKTKTRAEVRGGGRKPWPQKGTGRARHGSIRSPLWRGGGVAHGPRGPTSYYYMLPMKVRALGLKV
ALTVKLAQDDLHIMDSLELPTGDPQYLTELAHYRRWGDSVLLVDLTHEEMPQSIVEATSRLKTFNLIPAVGLNVHSMLKH
QTLVLTLPTVAFLED
;
D
6 'polypeptide(L)'
;PKIQQLVQDIASLTLLEISDLNELLKKTLKIQDVGLMPMGGMVPGAAPAPTAPEAAEEDVPKQKERTHFTVRLTEAKPVD
KVKLIKEIKNYVQGINLVQAKKLVESLPQEIKANVAKAEAEKIKAALEAVGGTVVLE
;
E,F
7 'polypeptide(L)'
;KPEVGGVIRAIVRAGLAMPGPPLGPVLGQRGVSINQFCKEFNERTKDIKEGIPLPTKILVKPDRTFEIKIGQPTVSYFLK
AAAGIEKGARQTGKEVAGLVTLKHVYEIARIKAQDEAFALQDVPLSSVVRSIIGSARSLGIRVVK
;
G
8 'polypeptide(L)'
;MSSFSRAPQQWATFARIWYLLDGKMQPPGKLAAMASIRLQGLHKPVYHALSDCGDHVVIMNTRHIAFSGNKWEQKVYSSH
TGYPGGFRQVTAAQLHLRDPVAIVKLAIYGMLPKNLHRRTMMERLHLFPDEYIPEDILKNLVEELPQP
;
H
9 'polypeptide(L)'
;DIRGPSTEATEFTEGNFAILALGGGYLHWGHFEMMRLTINRSMDPKNMFAIWRVPAPFKPITRKSVGHRMGGGKGAIDHY
VTPVKAGRLVVEMGGRCEFEEVQGFLDQVAHKLPFAAK
;
I
10 'polypeptide(L)'
;HGRVFRRMGLGPESRIHLLRNLLTGLVRHERIEAPWARVDEMRGYAEKLIDYGKLGDTNERAMRMADFWLTEKDLIPKLF
QVLAPRYKDQTGGYTRMLQIPNRSLDRAKMAVIEYK
;
J
11 'polypeptide(L)'
;IPEFYVGSILRVTTADPYASGKISQFLGICIQRSGRGLGATFILRNVIEGQGVEICFELYNPRVQEIQVVKLEKRLDDSL
LYLRDALPEYSTFDVNMK
;
K
12 'polypeptide(L)'
;LWLRNRVTDRYFRIQEVLKHARHFRGRKNRCYRLAVRTVIRAFVKCTKARYLKKKNMRTLWINRITAASQEHGLKYPALI
GNLVKCQVELNRKVLADLAIYEPKTFKSLAALASRRRH
;
L
13 'polypeptide(L)'
;HCRRQIKYSKDKMWYLAKLIRGMSIDQALAQLEFNDKKGAKIIKEVLLEAQDMAVRDHNVEFRSNLYIAESTSGRGQCLK
RIRYHGRGRFGIMEKVYCHYFVKLVEGPPP
;
M
14 'polypeptide(L)'
;GDTVEILEGKDAGKQGKVVQVIRQRNWVVVGGLNTHYRYIGKTMDYRGTMIPSEAPLLHRQVKLVDPMDRKPTEIEWRFT
EAGERVRVSTRSGRII
;
N
15 'polypeptide(L)' ASKKSGGSSKNLGGKSSGRRQGIKKMEGHYVHAGNIIATQRHFRWHPGAHVGVGKNKCLYALEEGIVRY O
16 'polypeptide(L)' AKSKSKNILVRMVSEAGTGFCFNTKRNRLREKLTLLHYDPVVKQRVLFVEKK P
17 'polypeptide(L)' YQPSNIKRKNKHGWVRRLSTPAGVQVILRRMLKGRKSL Q
#
# COMPACT_ATOMS: atom_id res chain seq x y z
CA LEU B 1 -46.56 -96.00 65.76
CA ASP B 2 -47.03 -93.55 68.67
CA LEU B 3 -50.05 -92.54 70.67
CA THR B 4 -50.46 -89.00 72.09
CA LEU B 5 -53.37 -87.93 74.45
CA ASP B 6 -53.77 -84.35 75.91
CA MET B 7 -55.94 -84.53 79.06
CA ALA B 8 -56.34 -84.96 82.77
CA LEU B 9 -56.35 -81.88 85.11
CA GLY B 10 -53.60 -79.33 85.15
CA LYS B 11 -49.98 -80.24 85.63
CA LYS B 12 -48.59 -78.18 88.49
CA LYS B 13 -51.05 -79.69 90.97
CA ASN B 14 -49.10 -82.11 93.19
CA VAL B 15 -52.27 -84.25 93.57
CA GLU B 16 -52.78 -84.93 89.78
CA PRO B 17 -49.65 -86.35 88.02
CA PHE B 18 -50.36 -89.89 86.95
CA THR B 19 -47.79 -92.60 86.27
CA SER B 20 -48.56 -95.57 83.99
CA VAL B 21 -47.14 -98.97 82.96
CA LEU B 22 -48.79 -102.01 81.16
CA SER B 23 -47.33 -101.46 77.68
CA LEU B 24 -48.26 -104.35 75.40
CA PRO B 25 -48.14 -106.38 73.27
CA TYR B 26 -44.30 -106.82 73.23
CA PRO B 27 -41.91 -109.45 75.02
CA PHE B 28 -39.36 -107.68 77.53
CA ALA B 29 -36.63 -106.83 80.36
CA SER B 30 -33.93 -109.33 81.63
CA GLU B 31 -36.07 -111.21 79.19
CA ILE B 32 -35.16 -108.24 76.75
CA ASN B 33 -31.76 -108.18 75.13
CA LYS B 34 -29.92 -104.81 75.20
CA VAL B 35 -27.24 -105.56 72.58
CA ALA B 36 -24.57 -102.91 71.83
CA VAL B 37 -21.89 -102.55 69.17
CA PHE B 38 -18.85 -101.23 70.99
CA THR B 39 -15.11 -101.84 70.57
CA GLU B 40 -13.08 -98.64 71.03
CA ASN B 41 -9.29 -98.21 71.15
CA ALA B 42 -9.75 -97.36 74.82
CA SER B 43 -11.69 -100.22 76.59
CA GLU B 44 -15.28 -98.93 76.44
CA VAL B 45 -16.01 -102.64 75.98
CA LYS B 46 -15.43 -103.14 79.73
CA ILE B 47 -17.53 -100.09 80.63
CA ALA B 48 -20.85 -101.70 79.51
CA GLU B 49 -19.87 -105.01 81.04
CA GLU B 50 -20.36 -103.93 84.66
CA ASN B 51 -23.25 -101.89 83.31
CA GLY B 52 -24.98 -105.00 82.03
CA ALA B 53 -25.47 -105.03 78.29
CA ALA B 54 -27.26 -108.23 77.29
CA PHE B 55 -24.17 -109.46 75.34
CA ALA B 56 -21.02 -107.42 74.66
CA GLY B 57 -19.43 -105.88 71.58
CA GLY B 58 -16.64 -105.91 69.05
CA THR B 59 -16.26 -106.42 65.30
CA SER B 60 -17.13 -110.13 65.76
CA LEU B 61 -20.62 -108.99 66.88
CA ILE B 62 -21.22 -108.64 63.16
CA GLN B 63 -20.56 -111.76 61.19
CA LYS B 64 -22.91 -112.88 63.83
CA ILE B 65 -26.29 -111.00 63.49
CA TRP B 66 -25.72 -112.13 59.92
CA ASP B 67 -26.18 -115.67 60.68
CA ASP B 68 -29.65 -115.41 62.21
CA GLU B 69 -28.74 -114.45 65.83
CA ILE B 70 -31.17 -111.59 66.44
CA VAL B 71 -31.94 -111.41 70.14
CA ALA B 72 -32.68 -107.77 70.98
CA ASP B 73 -35.29 -105.13 70.92
CA PHE B 74 -33.04 -102.44 72.34
CA TYR B 75 -29.80 -101.95 70.50
CA VAL B 76 -27.19 -99.34 71.51
CA ALA B 77 -23.82 -98.29 70.11
CA VAL B 78 -20.68 -96.28 70.48
CA PRO B 79 -20.62 -93.58 67.75
CA GLU B 80 -17.02 -94.47 66.91
CA ILE B 81 -18.30 -97.74 65.33
CA MET B 82 -20.94 -96.09 63.09
CA PRO B 83 -18.38 -97.08 60.45
CA GLU B 84 -17.97 -100.91 60.83
CA LEU B 85 -21.33 -101.26 62.18
CA ASN B 86 -22.02 -100.90 58.43
CA ARG B 87 -22.20 -104.26 56.59
CA LEU B 88 -25.47 -104.83 58.58
CA ARG B 89 -26.93 -104.23 55.07
CA LYS B 90 -30.57 -105.20 54.56
CA LYS B 91 -30.85 -106.05 58.28
CA LEU B 92 -30.07 -103.06 60.45
CA ASN B 93 -29.78 -99.71 58.62
CA LYS B 94 -33.30 -100.67 57.66
CA LYS B 95 -33.45 -100.81 61.43
CA TYR B 96 -31.65 -98.31 63.74
CA PRO B 97 -30.38 -96.57 66.06
CA LYS B 98 -27.62 -94.60 64.49
CA LEU B 99 -29.41 -91.72 66.09
CA SER B 100 -27.34 -88.68 66.86
CA ARG B 101 -29.32 -87.80 70.01
CA ASN B 102 -30.03 -91.17 71.63
CA SER B 103 -29.11 -94.81 72.09
CA ILE B 104 -25.73 -93.79 70.62
CA GLY B 105 -22.98 -92.52 72.88
CA ARG B 106 -19.56 -92.79 74.42
CA ASP B 107 -21.66 -93.11 77.58
CA ILE B 108 -22.95 -96.58 77.03
CA PRO B 109 -22.84 -96.80 80.92
CA LYS B 110 -26.13 -95.41 82.25
CA MET B 111 -27.82 -96.52 79.00
CA LEU B 112 -27.79 -100.29 79.50
CA GLU B 113 -28.22 -99.90 83.22
CA LEU B 114 -31.15 -97.50 82.47
CA PHE B 115 -33.27 -100.59 81.29
CA LYS B 116 -35.99 -102.43 83.52
CA ASN B 117 -38.98 -105.30 82.70
CA GLY B 118 -42.51 -105.59 81.05
CA HIS B 119 -41.59 -102.03 80.71
CA GLU B 120 -41.80 -101.25 77.07
CA ILE B 121 -42.36 -97.79 78.36
CA LYS B 122 -42.84 -96.28 81.76
CA VAL B 123 -45.26 -93.53 80.81
CA ASP B 124 -45.26 -90.17 82.66
CA GLU B 125 -46.69 -86.74 81.81
CA GLU B 126 -44.57 -83.68 82.37
CA ARG B 127 -46.00 -80.75 80.38
CA GLU B 128 -49.13 -78.51 80.37
CA ASN B 129 -51.00 -81.08 78.23
CA PHE B 130 -50.64 -84.92 78.14
CA LEU B 131 -48.61 -88.00 77.19
CA GLN B 132 -47.27 -89.99 74.24
CA THR B 133 -46.04 -93.64 73.90
CA LYS B 134 -44.67 -95.93 71.13
CA ILE B 135 -46.97 -98.89 70.59
CA ALA B 136 -45.14 -100.58 67.69
CA THR B 137 -43.14 -100.03 64.51
CA LEU B 138 -44.74 -99.27 61.15
CA ASP B 139 -45.60 -102.19 58.84
CA MET B 140 -47.02 -103.99 61.85
CA SER B 141 -49.63 -106.81 61.76
CA SER B 142 -52.56 -104.32 61.47
CA ASP B 143 -54.13 -106.41 64.29
CA GLN B 144 -51.31 -105.82 66.78
CA ILE B 145 -51.90 -102.21 66.07
CA ALA B 146 -55.57 -101.63 66.96
CA ALA B 147 -54.70 -103.73 70.01
CA ASN B 148 -51.70 -101.92 71.44
CA LEU B 149 -53.43 -98.57 70.99
CA GLN B 150 -56.24 -100.04 73.06
CA ALA B 151 -53.70 -101.33 75.56
CA VAL B 152 -52.48 -97.76 76.09
CA ILE B 153 -55.94 -96.16 76.37
CA ASN B 154 -56.51 -98.70 79.10
CA GLU B 155 -53.47 -98.11 81.31
CA VAL B 156 -54.34 -94.49 80.90
CA CYS B 157 -57.95 -94.84 82.23
CA ARG B 158 -56.92 -97.36 84.89
CA HIS B 159 -54.68 -94.69 86.28
CA ARG B 160 -56.87 -91.69 87.15
CA PRO B 161 -55.69 -89.37 89.97
CA LEU B 162 -58.39 -88.98 92.58
CA ASN B 163 -59.94 -85.63 91.60
CA LEU B 164 -60.62 -85.55 87.82
CA GLY B 165 -63.87 -83.54 87.71
CA PRO B 166 -63.70 -82.64 83.99
CA PHE B 167 -63.28 -85.61 81.65
CA VAL B 168 -59.93 -87.34 82.02
CA VAL B 169 -59.58 -88.05 78.28
CA ARG B 170 -59.87 -85.42 75.58
CA ALA B 171 -59.81 -87.75 72.61
CA PHE B 172 -56.93 -86.81 70.33
CA LEU B 173 -54.29 -89.24 69.04
CA ARG B 174 -51.95 -88.05 66.23
CA SER B 175 -50.63 -91.60 65.79
CA SER B 176 -48.68 -90.73 62.66
CA THR B 177 -45.00 -90.74 63.57
CA SER B 178 -43.83 -91.57 60.12
CA GLU B 179 -45.16 -89.19 57.43
CA GLY B 180 -48.99 -89.28 57.43
CA LEU B 181 -52.13 -87.47 58.63
CA LEU B 182 -53.02 -87.53 62.29
CA LEU B 183 -55.92 -90.09 62.17
CA LYS B 184 -57.97 -89.26 65.47
CA ILE B 185 -59.24 -91.60 68.27
CA ASP B 186 -62.67 -92.74 69.41
CA PRO B 187 -61.40 -93.53 72.07
CA LEU B 188 -63.42 -96.45 73.40
CA LEU B 189 -64.59 -98.08 70.16
CA VAL C 1 -65.77 -6.18 79.10
CA ILE C 2 -66.44 -2.45 79.45
CA GLN C 3 -65.53 -1.62 75.83
CA VAL C 4 -64.06 -3.24 72.74
CA ARG C 5 -60.67 -1.77 71.97
CA TYR C 6 -59.02 -2.31 68.69
CA ASP C 7 -55.34 -1.53 68.43
CA PRO C 8 -52.43 -2.55 66.13
CA CYS C 9 -50.62 -5.80 67.04
CA ARG C 10 -53.00 -8.17 65.28
CA SER C 11 -55.71 -6.65 63.08
CA ALA C 12 -58.68 -8.36 64.79
CA ASP C 13 -60.42 -6.41 67.56
CA ILE C 14 -59.76 -7.10 71.21
CA ALA C 15 -61.68 -5.73 74.14
CA LEU C 16 -60.52 -4.31 77.43
CA VAL C 17 -62.01 -6.19 80.32
CA ALA C 18 -61.87 -5.51 84.03
CA GLY C 19 -61.59 -8.28 86.62
CA GLY C 20 -60.90 -8.52 90.34
CA SER C 21 -57.79 -6.42 89.57
CA ARG C 22 -56.25 -4.93 86.38
CA LYS C 23 -57.15 -7.39 83.67
CA ARG C 24 -55.26 -8.27 80.53
CA TRP C 25 -56.75 -7.29 77.22
CA ILE C 26 -58.03 -10.32 75.39
CA ILE C 27 -59.05 -10.56 71.75
CA ALA C 28 -62.82 -10.12 71.73
CA THR C 29 -64.80 -12.98 70.24
CA GLU C 30 -67.23 -12.95 67.29
CA ASN C 31 -70.14 -11.63 69.37
CA MET C 32 -68.92 -9.76 72.38
CA GLN C 33 -71.25 -7.29 73.97
CA ALA C 34 -70.28 -4.48 76.31
CA GLY C 35 -70.84 -5.58 79.91
CA ASP C 36 -70.35 -9.17 78.71
CA THR C 37 -69.38 -11.78 81.29
CA ILE C 38 -66.00 -13.45 81.01
CA LEU C 39 -65.30 -16.37 83.30
CA ASN C 40 -61.88 -17.89 83.94
CA SER C 41 -60.64 -21.04 85.70
CA ASN C 42 -59.26 -19.60 88.95
CA HIS C 43 -61.76 -18.02 91.28
CA ILE C 44 -63.86 -19.65 94.02
CA GLY C 45 -64.05 -23.16 92.55
CA ARG C 46 -61.65 -24.33 89.87
CA MET C 47 -62.38 -24.62 86.14
CA ALA C 48 -66.07 -23.92 86.94
CA VAL C 49 -67.48 -23.75 83.42
CA ALA C 50 -70.30 -22.00 81.66
CA ALA C 51 -70.14 -22.85 77.94
CA ARG C 52 -70.08 -19.29 76.60
CA GLU C 53 -68.09 -17.11 74.24
CA GLY C 54 -65.28 -15.13 75.87
CA ASP C 55 -65.06 -17.76 78.60
CA ALA C 56 -61.89 -19.95 78.57
CA HIS C 57 -62.26 -23.47 80.07
CA PRO C 58 -59.96 -26.39 80.31
CA LEU C 59 -60.20 -29.20 77.79
CA GLY C 60 -62.77 -32.01 77.71
CA ALA C 61 -64.84 -29.26 79.38
CA LEU C 62 -66.73 -27.54 76.56
CA PRO C 63 -67.81 -30.95 75.22
CA VAL C 64 -68.91 -31.44 71.59
CA GLY C 65 -67.58 -29.54 68.60
CA THR C 66 -67.53 -25.85 69.52
CA LEU C 67 -65.36 -23.11 68.15
CA ILE C 68 -62.24 -22.51 70.20
CA ASN C 69 -59.71 -19.70 70.51
CA ASN C 70 -56.07 -19.32 71.38
CA VAL C 71 -55.58 -22.46 73.40
CA GLU C 72 -52.01 -23.17 74.24
CA SER C 73 -50.40 -26.45 74.04
CA GLU C 74 -48.95 -27.22 77.48
CA PRO C 75 -51.02 -26.36 80.58
CA GLY C 76 -49.99 -23.25 82.49
CA ARG C 77 -48.85 -21.17 79.52
CA GLY C 78 -50.96 -18.46 77.97
CA ALA C 79 -52.30 -19.73 74.67
CA GLN C 80 -50.37 -19.87 71.35
CA TYR C 81 -52.68 -21.38 68.76
CA ILE C 82 -55.11 -19.15 66.83
CA ARG C 83 -55.73 -15.93 68.65
CA ALA C 84 -56.07 -12.87 66.36
CA ALA C 85 -57.18 -13.53 62.75
CA GLY C 86 -57.26 -17.13 61.43
CA THR C 87 -58.87 -19.15 64.23
CA CYS C 88 -62.01 -21.17 65.11
CA GLY C 89 -60.36 -24.45 66.07
CA VAL C 90 -62.94 -27.16 66.72
CA LEU C 91 -62.15 -29.83 69.27
CA LEU C 92 -63.68 -33.14 68.32
CA ARG C 93 -64.28 -35.69 71.09
CA LYS C 94 -61.33 -37.06 72.99
CA VAL C 95 -60.66 -40.21 74.90
CA ASN C 96 -57.58 -41.18 76.99
CA GLY C 97 -55.58 -38.07 77.96
CA THR C 98 -57.94 -35.66 76.11
CA ALA C 99 -56.46 -34.46 72.83
CA ILE C 100 -57.75 -33.50 69.33
CA ILE C 101 -57.90 -29.98 68.04
CA GLN C 102 -58.82 -29.56 64.37
CA LEU C 103 -57.61 -26.08 63.35
CA PRO C 104 -56.11 -23.46 62.48
CA SER C 105 -55.39 -25.27 59.25
CA LYS C 106 -53.20 -28.38 58.71
CA ARG C 107 -54.96 -31.15 60.68
CA GLN C 108 -55.68 -32.66 64.08
CA MET C 109 -53.23 -31.69 66.79
CA GLN C 110 -52.65 -33.61 69.98
CA VAL C 111 -53.15 -31.60 73.11
CA LEU C 112 -53.29 -32.46 76.77
CA GLU C 113 -56.73 -31.80 78.09
CA THR C 114 -55.28 -29.60 80.85
CA CYS C 115 -54.21 -26.44 79.07
CA VAL C 116 -56.82 -24.12 77.70
CA ALA C 117 -58.61 -21.16 76.63
CA THR C 118 -62.02 -21.20 75.07
CA VAL C 119 -64.56 -19.06 73.26
CA GLY C 120 -66.57 -19.06 70.04
CA ARG C 121 -64.42 -17.60 67.19
CA VAL C 122 -62.24 -14.49 67.43
CA SER C 123 -61.91 -12.25 64.39
CA ASN C 124 -63.44 -9.02 63.13
CA VAL C 125 -64.86 -10.81 60.01
CA ASP C 126 -63.25 -11.98 56.75
CA HIS C 127 -60.09 -9.95 57.44
CA ASN C 128 -58.43 -11.54 54.76
CA LYS C 129 -57.10 -9.84 51.65
CA ARG C 130 -55.46 -6.64 52.78
CA VAL C 131 -56.25 -3.57 50.69
CA ILE C 132 -54.58 -3.65 47.27
CA GLY C 133 -50.85 -3.09 47.83
CA LYS C 134 -50.29 0.50 46.69
CA ALA C 135 -47.08 1.50 44.90
CA GLY C 136 -44.31 2.46 47.35
CA ARG D 1 -0.77 64.82 -19.64
CA VAL D 2 -3.59 64.00 -17.21
CA GLY D 3 -2.96 63.78 -13.46
CA LEU D 4 -5.53 63.86 -10.68
CA ILE D 5 -5.93 64.03 -6.86
CA ALA D 6 -7.94 62.84 -3.88
CA LEU D 7 -11.70 62.28 -3.78
CA LYS D 8 -14.24 63.69 -1.37
CA LEU D 9 -17.82 62.47 -0.68
CA GLY D 10 -19.89 61.58 -3.77
CA MET D 11 -23.35 63.12 -4.42
CA MET D 12 -26.50 62.55 -6.61
CA PRO D 13 -26.00 64.35 -9.21
CA LEU D 14 -28.97 65.01 -11.51
CA TRP D 15 -27.93 65.04 -15.20
CA THR D 16 -29.17 64.23 -18.78
CA LYS D 17 -31.97 61.71 -19.27
CA ASP D 18 -29.73 59.17 -21.02
CA GLY D 19 -27.87 57.27 -18.31
CA GLN D 20 -28.65 57.63 -14.61
CA LYS D 21 -27.21 59.39 -11.59
CA HIS D 22 -23.55 58.55 -11.29
CA VAL D 23 -21.12 60.62 -9.27
CA VAL D 24 -17.85 61.51 -7.85
CA THR D 25 -17.02 64.83 -6.13
CA LEU D 26 -13.96 67.06 -6.72
CA LEU D 27 -10.56 65.71 -7.53
CA GLN D 28 -8.00 67.97 -9.31
CA VAL D 29 -6.25 70.15 -6.83
CA GLN D 30 -3.82 72.24 -8.87
CA ASP D 31 -1.30 69.56 -9.61
CA CYS D 32 2.32 70.40 -9.34
CA HIS D 33 5.27 69.43 -11.25
CA VAL D 34 8.32 67.51 -10.45
CA LEU D 35 10.72 65.22 -12.22
CA LYS D 36 10.94 66.21 -15.88
CA TYR D 37 11.58 63.19 -18.07
CA THR D 38 13.29 63.47 -21.42
CA SER D 39 13.99 60.96 -24.16
CA LYS D 40 17.75 61.52 -23.82
CA GLU D 41 18.58 61.59 -20.09
CA ASN D 42 15.69 59.49 -18.78
CA CYS D 43 15.35 57.28 -21.90
CA ASN D 44 11.53 57.72 -21.75
CA GLY D 45 8.92 60.48 -22.21
CA LYS D 46 7.49 60.89 -18.72
CA MET D 47 6.32 63.47 -16.11
CA ALA D 48 5.83 63.65 -12.33
CA THR D 49 3.10 65.64 -10.63
CA LEU D 50 2.80 66.49 -6.92
CA SER D 51 -0.98 67.14 -6.66
CA VAL D 52 -0.62 69.23 -3.44
CA GLY D 53 -0.50 72.77 -1.95
CA GLY D 54 2.40 75.19 -2.43
CA LYS D 55 2.25 77.44 -5.57
CA THR D 56 4.96 79.98 -6.58
CA VAL D 57 4.40 81.97 -3.36
CA SER D 58 6.33 79.49 -1.28
CA ARG D 59 8.17 79.35 2.00
CA PHE D 60 11.21 78.02 0.04
CA ARG D 61 12.54 78.25 -3.50
CA LYS D 62 14.68 75.36 -2.35
CA ALA D 63 12.35 72.56 -1.27
CA THR D 64 11.12 73.29 2.22
CA SER D 65 10.76 69.56 2.53
CA ILE D 66 13.68 68.53 0.33
CA LEU D 67 13.50 64.97 -0.98
CA GLU D 68 14.24 63.89 -4.63
CA PHE D 69 13.17 67.35 -5.72
CA TYR D 70 14.25 70.83 -4.63
CA ARG D 71 16.31 71.23 -7.75
CA GLU D 72 15.11 71.61 -11.32
CA LEU D 73 11.44 71.30 -10.51
CA GLY D 74 9.05 71.68 -7.61
CA LEU D 75 7.81 73.56 -4.57
CA PRO D 76 6.27 72.31 -1.23
CA PRO D 77 4.73 68.82 -1.75
CA LYS D 78 2.79 66.22 0.04
CA GLN D 79 2.62 63.39 -2.55
CA THR D 80 3.86 62.71 -6.09
CA VAL D 81 3.00 60.32 -8.95
CA LYS D 82 4.37 59.86 -12.46
CA ILE D 83 2.54 59.73 -15.80
CA PHE D 84 4.13 59.25 -19.20
CA ASN D 85 3.38 60.78 -22.65
CA ILE D 86 3.66 64.58 -22.85
CA THR D 87 5.04 67.44 -20.72
CA ASP D 88 2.82 70.24 -19.48
CA ASN D 89 4.40 73.68 -19.00
CA ALA D 90 7.95 73.39 -17.57
CA ALA D 91 7.57 72.12 -14.06
CA ILE D 92 9.61 74.77 -12.20
CA LYS D 93 8.12 77.65 -14.16
CA PRO D 94 5.03 76.39 -12.65
CA GLY D 95 3.98 73.74 -15.04
CA THR D 96 0.61 73.18 -13.58
CA PRO D 97 -1.62 70.42 -14.94
CA LEU D 98 -5.08 71.35 -13.80
CA TYR D 99 -8.53 70.83 -14.79
CA ALA D 100 -8.73 73.66 -17.28
CA ALA D 101 -7.13 73.59 -20.71
CA HIS D 102 -7.34 69.82 -20.26
CA PHE D 103 -9.60 66.85 -19.34
CA ARG D 104 -12.99 68.05 -20.65
CA PRO D 105 -15.88 67.97 -20.99
CA GLY D 106 -16.64 64.22 -21.25
CA GLN D 107 -15.12 61.37 -23.35
CA TYR D 108 -12.29 60.41 -20.99
CA VAL D 109 -11.49 57.52 -18.79
CA ASP D 110 -10.14 57.09 -15.24
CA VAL D 111 -8.17 54.98 -12.84
CA THR D 112 -8.41 54.47 -9.06
CA ALA D 113 -6.77 54.62 -5.65
CA LYS D 114 -6.50 51.96 -2.94
CA THR D 115 -9.76 50.34 -1.78
CA ILE D 116 -11.13 50.95 1.72
CA GLY D 117 -9.17 49.24 4.51
CA LYS D 118 -11.82 46.93 5.98
CA GLY D 119 -9.14 44.72 7.51
CA PHE D 120 -8.65 41.05 6.74
CA GLN D 121 -11.49 38.74 7.05
CA GLY D 122 -11.94 35.77 4.90
CA VAL D 123 -14.85 34.05 3.82
CA MET D 124 -17.69 36.37 3.35
CA LYS D 125 -15.24 38.65 1.66
CA ARG D 126 -14.88 37.52 -1.93
CA TRP D 127 -16.90 34.87 -1.75
CA GLY D 128 -20.68 34.23 -1.46
CA PHE D 129 -20.04 30.94 -3.15
CA LYS D 130 -18.71 28.48 -0.78
CA GLY D 131 -20.87 25.50 -0.07
CA GLN D 132 -22.50 23.47 2.65
CA PRO D 133 -23.73 20.69 3.60
CA ALA D 134 -26.76 21.32 5.79
CA THR D 135 -27.46 19.50 9.10
CA HIS D 136 -27.11 15.90 7.84
CA GLY D 137 -23.98 16.22 5.81
CA GLN D 138 -21.47 17.90 8.13
CA THR D 139 -21.09 19.76 11.40
CA LYS D 140 -20.25 23.06 9.66
CA THR D 141 -23.58 24.14 8.14
CA HIS D 142 -22.05 27.28 6.76
CA ARG D 143 -18.37 27.06 6.06
CA ARG D 144 -15.11 26.71 8.01
CA PRO D 145 -15.15 28.65 5.48
CA GLY D 146 -13.33 28.17 1.89
CA ALA D 147 -15.27 28.33 -1.64
CA VAL D 148 -17.05 26.00 -4.01
CA ALA D 149 -19.12 26.36 -7.23
CA THR D 150 -19.93 22.75 -8.20
CA GLY D 151 -21.11 19.69 -6.31
CA ASP D 152 -19.47 16.28 -6.15
CA ILE D 153 -16.70 16.83 -8.73
CA GLY D 154 -15.18 19.52 -6.50
CA ARG D 155 -12.75 20.54 -9.30
CA VAL D 156 -12.08 23.69 -7.30
CA TRP D 157 -10.75 26.44 -9.53
CA PRO D 158 -7.37 28.02 -8.60
CA GLY D 159 -7.55 31.34 -6.91
CA THR D 160 -8.71 29.30 -4.12
CA LYS D 161 -11.21 30.64 -1.86
CA MET D 162 -9.39 31.18 1.36
CA PRO D 163 -8.82 33.94 3.96
CA GLY D 164 -6.52 36.64 2.63
CA LYS D 165 -6.30 40.39 3.00
CA MET D 166 -9.06 41.86 0.89
CA GLY D 167 -9.11 45.62 1.55
CA ASN D 168 -6.11 47.42 0.08
CA ILE D 169 -6.34 46.28 -3.53
CA TYR D 170 -5.70 48.78 -6.30
CA ARG D 171 -8.99 48.15 -8.24
CA THR D 172 -8.58 50.44 -11.27
CA GLU D 173 -11.83 51.36 -13.02
CA TYR D 174 -11.80 51.68 -16.81
CA GLY D 175 -14.02 54.14 -18.64
CA LEU D 176 -16.21 56.20 -16.34
CA LYS D 177 -15.81 59.91 -17.15
CA VAL D 178 -18.60 62.47 -16.94
CA TRP D 179 -19.82 65.45 -18.80
CA ARG D 180 -19.60 67.98 -15.90
CA ILE D 181 -16.40 69.43 -14.62
CA ASN D 182 -16.43 72.98 -13.20
CA THR D 183 -13.53 75.45 -13.13
CA LYS D 184 -13.40 76.52 -9.48
CA HIS D 185 -11.51 74.61 -6.86
CA ASN D 186 -11.46 72.15 -9.70
CA ILE D 187 -14.49 69.95 -9.18
CA ILE D 188 -14.62 66.98 -11.55
CA TYR D 189 -17.23 64.24 -11.66
CA VAL D 190 -16.81 60.56 -12.90
CA ASN D 191 -19.45 57.91 -13.38
CA GLY D 192 -19.88 55.39 -10.53
CA SER D 193 -17.65 54.51 -7.61
CA VAL D 194 -14.23 56.15 -7.73
CA PRO D 195 -13.23 53.71 -6.19
CA GLY D 196 -11.22 54.53 -3.04
CA HIS D 197 -12.16 55.90 0.43
CA LYS D 198 -12.63 59.53 1.37
CA ASN D 199 -9.41 61.58 0.92
CA CYS D 200 -7.62 58.92 -1.22
CA LEU D 201 -5.32 59.83 -4.19
CA VAL D 202 -7.23 58.63 -7.25
CA LYS D 203 -5.01 59.64 -10.16
CA VAL D 204 -7.46 59.47 -13.16
CA LYS D 205 -5.48 59.09 -16.35
CA ASP D 206 -6.49 59.27 -19.97
CA SER D 207 -8.05 56.35 -21.82
CA LYS D 208 -5.85 53.38 -21.12
CA LEU D 209 -8.03 51.61 -23.68
CA PRO D 210 -7.08 52.87 -27.18
CA ALA D 211 -10.79 52.34 -27.93
CA HIS E 1 30.87 -37.28 59.49
CA GLN E 2 28.70 -36.20 62.48
CA VAL E 3 31.66 -34.15 63.69
CA ALA E 4 31.93 -31.58 60.97
CA MET E 5 28.15 -31.20 61.33
CA TRP E 6 27.39 -29.89 64.81
CA GLN E 7 30.26 -27.63 63.90
CA LYS E 8 29.33 -26.21 60.53
CA ASN E 9 25.67 -26.14 61.57
CA PHE E 10 26.91 -23.89 64.43
CA LYS E 11 28.70 -21.64 61.94
CA ARG E 12 25.22 -20.44 60.90
CA ILE E 13 24.05 -16.89 60.46
CA SER E 14 21.92 -15.61 63.37
CA TYR E 15 20.02 -12.99 61.42
CA ALA E 16 18.49 -12.30 58.15
CA LYS E 17 17.07 -8.82 57.89
CA THR E 18 15.04 -10.35 55.36
CA LYS E 19 14.58 -7.48 53.17
CA THR E 20 10.85 -7.33 53.28
CA ARG E 21 9.73 -4.18 51.78
CA ALA E 22 12.26 -4.38 48.94
CA GLU E 23 10.54 -1.40 47.69
CA VAL E 24 10.52 1.21 50.46
CA ARG E 25 14.30 0.83 51.05
CA GLY E 26 16.20 3.45 49.26
CA GLY E 27 16.29 3.38 45.55
CA GLY E 28 14.47 6.67 44.93
CA ARG E 29 11.06 8.31 44.40
CA LYS E 30 9.51 10.04 41.35
CA PRO E 31 11.57 9.57 38.16
CA TRP E 32 12.12 11.66 35.11
CA PRO E 33 8.73 11.57 33.22
CA GLN E 34 8.15 8.45 31.17
CA LYS E 35 6.14 9.40 28.09
CA GLY E 36 8.30 9.45 24.99
CA THR E 37 11.60 9.91 26.76
CA GLY E 38 14.79 7.84 26.62
CA ARG E 39 13.83 5.09 29.15
CA ALA E 40 11.24 2.31 29.71
CA ARG E 41 7.84 2.93 31.37
CA HIS E 42 9.15 2.26 34.74
CA GLY E 43 11.19 5.07 36.44
CA SER E 44 10.69 5.05 40.37
CA ILE E 45 13.46 2.86 41.85
CA ARG E 46 10.70 1.10 44.11
CA SER E 47 7.37 -0.94 43.73
CA PRO E 48 6.88 -4.79 43.31
CA LEU E 49 6.53 -4.67 39.50
CA TRP E 50 9.87 -3.09 38.71
CA ARG E 51 13.57 -3.48 37.93
CA GLY E 52 14.65 -4.30 41.49
CA GLY E 53 13.56 -1.64 43.98
CA GLY E 54 13.67 -4.50 45.56
CA VAL E 55 14.25 -7.94 46.05
CA ALA E 56 10.87 -9.39 47.43
CA HIS E 57 8.31 -8.72 50.23
CA GLY E 58 10.41 -10.68 52.91
CA PRO E 59 10.98 -13.65 54.18
CA ARG E 60 11.18 -11.58 57.80
CA GLY E 61 13.98 -12.00 60.56
CA PRO E 62 15.56 -14.03 63.71
CA THR E 63 17.24 -17.41 64.60
CA SER E 64 19.66 -18.94 67.12
CA TYR E 65 19.71 -22.49 65.79
CA TYR E 66 20.89 -25.37 67.84
CA TYR E 67 22.93 -28.53 67.51
CA MET E 68 24.44 -30.15 70.58
CA LEU E 69 26.56 -33.26 70.44
CA PRO E 70 26.81 -35.59 73.47
CA MET E 71 30.24 -36.49 74.89
CA LYS E 72 30.35 -39.64 72.75
CA VAL E 73 31.47 -37.53 69.79
CA ARG E 74 33.13 -34.06 70.22
CA ALA E 75 35.87 -36.34 71.51
CA LEU E 76 35.94 -39.77 69.80
CA GLY E 77 35.48 -37.21 67.02
CA LEU E 78 38.31 -34.87 67.99
CA LYS E 79 40.25 -38.06 68.14
CA VAL E 80 39.97 -39.14 64.51
CA ALA E 81 41.55 -36.71 62.18
CA LEU E 82 44.11 -36.54 64.98
CA THR E 83 44.97 -40.20 64.24
CA VAL E 84 44.19 -40.38 60.51
CA LYS E 85 46.70 -37.58 60.24
CA LEU E 86 49.13 -39.74 62.22
CA ALA E 87 51.55 -41.86 60.06
CA GLN E 88 50.93 -39.32 57.39
CA ASP E 89 52.63 -36.21 55.86
CA ASP E 90 52.39 -34.07 59.02
CA LEU E 91 55.06 -32.41 60.97
CA HIS E 92 56.75 -33.45 64.09
CA ILE E 93 58.78 -30.51 65.47
CA MET E 94 60.56 -29.60 68.69
CA ASP E 95 61.01 -26.15 70.24
CA SER E 96 60.41 -23.65 67.44
CA LEU E 97 63.15 -20.98 67.65
CA GLU E 98 63.05 -19.80 64.00
CA LEU E 99 61.60 -16.42 64.71
CA PRO E 100 63.49 -14.02 67.05
CA THR E 101 60.67 -11.52 66.52
CA GLY E 102 57.33 -11.53 64.79
CA ASP E 103 58.38 -11.70 61.19
CA PRO E 104 55.80 -13.65 59.14
CA GLN E 105 58.53 -14.01 56.49
CA TYR E 106 60.73 -16.17 58.75
CA LEU E 107 57.86 -18.58 59.40
CA THR E 108 57.47 -18.82 55.66
CA GLU E 109 61.05 -20.20 55.12
CA LEU E 110 60.63 -23.37 57.27
CA ALA E 111 57.72 -23.87 55.09
CA HIS E 112 58.80 -25.03 51.57
CA TYR E 113 61.78 -26.66 53.08
CA ARG E 114 59.65 -29.52 54.42
CA ARG E 115 56.63 -30.53 52.37
CA TRP E 116 54.77 -27.16 52.34
CA GLY E 117 53.22 -25.44 49.39
CA ASP E 118 50.34 -23.12 48.67
CA SER E 119 48.13 -26.18 48.19
CA VAL E 120 48.82 -27.48 51.67
CA LEU E 121 46.91 -24.94 53.80
CA LEU E 122 48.62 -26.14 56.97
CA VAL E 123 47.48 -25.32 60.44
CA ASP E 124 49.78 -24.23 63.30
CA LEU E 125 48.79 -26.09 66.55
CA THR E 126 51.36 -24.91 68.97
CA HIS E 127 51.70 -24.78 72.72
CA GLU E 128 54.14 -22.11 73.79
CA GLU E 129 53.02 -18.54 74.39
CA MET E 130 52.66 -16.44 71.23
CA PRO E 131 55.42 -16.86 68.61
CA GLN E 132 54.21 -13.23 67.96
CA SER E 133 51.77 -11.20 70.06
CA ILE E 134 49.85 -10.22 67.02
CA VAL E 135 49.04 -13.60 65.52
CA GLU E 136 52.27 -15.65 65.61
CA ALA E 137 54.00 -14.65 62.36
CA THR E 138 51.17 -16.58 60.82
CA SER E 139 48.25 -14.42 59.61
CA ARG E 140 50.03 -13.22 56.47
CA LEU E 141 50.22 -16.86 55.35
CA LYS E 142 46.89 -17.88 53.85
CA THR E 143 48.08 -21.42 54.43
CA PHE E 144 49.52 -21.19 57.90
CA ASN E 145 47.06 -20.31 60.72
CA LEU E 146 45.45 -20.91 64.19
CA ILE E 147 45.35 -20.29 67.97
CA PRO E 148 47.87 -21.95 70.50
CA ALA E 149 47.10 -24.04 73.60
CA VAL E 150 43.51 -24.86 72.88
CA GLY E 151 43.08 -28.02 70.87
CA LEU E 152 42.25 -27.63 67.24
CA ASN E 153 38.70 -28.98 66.88
CA VAL E 154 38.13 -31.49 64.12
CA HIS E 155 37.03 -29.25 61.26
CA SER E 156 39.79 -26.68 61.60
CA MET E 157 42.24 -29.43 60.91
CA LEU E 158 39.88 -30.97 58.30
CA LYS E 159 39.54 -27.54 56.78
CA HIS E 160 42.67 -28.26 54.76
CA GLN E 161 45.61 -30.81 54.41
CA THR E 162 47.74 -31.40 57.59
CA LEU E 163 50.93 -30.26 59.25
CA VAL E 164 51.95 -29.08 62.74
CA LEU E 165 51.50 -30.00 66.44
CA THR E 166 54.63 -28.48 68.00
CA LEU E 167 55.48 -31.01 70.73
CA PRO E 168 54.79 -33.28 72.46
CA THR E 169 51.09 -32.24 72.74
CA VAL E 170 48.96 -34.72 70.89
CA ALA E 171 46.83 -32.95 73.35
CA PHE E 172 48.43 -31.17 76.30
CA LEU E 173 48.94 -33.91 78.90
CA GLU E 174 45.22 -34.70 79.43
CA ASP E 175 42.38 -34.51 76.88
CA PRO F 1 8.69 -22.89 -113.60
CA LYS F 2 11.67 -24.62 -115.38
CA ILE F 3 14.82 -26.77 -114.89
CA GLN F 4 17.65 -25.45 -112.65
CA GLN F 5 19.12 -21.99 -113.10
CA LEU F 6 15.43 -21.06 -113.29
CA VAL F 7 16.08 -19.28 -109.99
CA GLN F 8 18.84 -17.26 -111.60
CA ASP F 9 16.76 -16.43 -114.66
CA ILE F 10 14.01 -15.42 -112.19
CA ALA F 11 16.24 -13.48 -109.77
CA SER F 12 17.21 -10.91 -112.40
CA LEU F 13 14.48 -8.95 -114.27
CA THR F 14 13.91 -5.83 -112.24
CA LEU F 15 10.42 -6.14 -110.51
CA LEU F 16 8.40 -5.47 -113.65
CA GLU F 17 8.64 -8.30 -116.13
CA ILE F 18 8.18 -10.82 -113.28
CA SER F 19 4.71 -9.38 -112.61
CA ASP F 20 4.05 -10.04 -116.35
CA LEU F 21 5.34 -13.61 -115.83
CA ASN F 22 2.63 -14.08 -113.19
CA GLU F 23 -0.34 -12.18 -114.69
CA LEU F 24 0.10 -14.18 -117.79
CA LEU F 25 0.18 -17.50 -116.09
CA LYS F 26 -2.84 -16.14 -114.09
CA LYS F 27 -5.41 -14.63 -116.43
CA THR F 28 -5.13 -17.59 -118.77
CA LEU F 29 -5.05 -21.38 -118.80
CA LYS F 30 -6.45 -21.97 -115.22
CA ILE F 31 -5.43 -24.18 -112.28
CA GLN F 32 -2.97 -26.72 -113.69
CA ASP F 33 0.79 -25.73 -113.89
CA VAL F 34 3.00 -22.62 -114.09
CA GLY F 35 4.79 -21.93 -117.38
CA LEU F 36 3.95 -23.79 -120.61
CA MET F 37 6.33 -24.50 -123.52
CA PRO F 38 4.50 -23.76 -126.87
CA MET F 39 2.34 -20.99 -125.35
CA GLY F 40 1.84 -19.10 -122.05
CA GLY F 41 1.37 -21.14 -118.85
CA MET F 42 -1.27 -21.63 -116.12
CA VAL F 43 -2.24 -19.97 -112.80
CA PRO F 44 -1.15 -21.76 -109.58
CA GLY F 45 1.61 -21.95 -106.97
CA ALA F 46 5.27 -21.40 -107.95
CA ALA F 47 4.93 -17.92 -109.43
CA PRO F 48 2.01 -16.44 -107.48
CA ALA F 49 2.78 -17.84 -104.08
CA PRO F 50 6.62 -18.13 -104.62
CA THR F 51 8.42 -15.98 -106.89
CA ALA F 52 7.63 -12.87 -105.02
CA PRO F 53 8.63 -12.05 -102.25
CA GLU F 54 11.73 -12.04 -104.44
CA ALA F 55 9.79 -9.14 -105.97
CA ALA F 56 10.04 -7.18 -102.73
CA GLU F 57 13.79 -7.47 -102.14
CA GLU F 58 14.36 -6.31 -105.71
CA ASP F 59 11.67 -3.66 -104.81
CA VAL F 60 14.25 -2.24 -102.32
CA PRO F 61 16.86 -2.29 -104.68
CA LYS F 62 15.56 -0.02 -107.55
CA GLN F 63 14.26 2.52 -105.09
CA LYS F 64 18.06 2.89 -105.16
CA GLU F 65 19.47 4.32 -108.40
CA ARG F 66 16.03 5.93 -108.83
CA THR F 67 14.00 3.52 -110.86
CA HIS F 68 10.92 4.39 -108.84
CA PHE F 69 10.70 6.81 -105.92
CA THR F 70 8.52 7.47 -102.92
CA VAL F 71 6.09 10.01 -101.45
CA ARG F 72 7.61 11.91 -98.57
CA LEU F 73 5.15 14.16 -96.78
CA THR F 74 7.40 16.58 -94.69
CA GLU F 75 5.32 19.67 -94.05
CA ALA F 76 1.95 18.49 -92.81
CA LYS F 77 0.08 21.70 -92.22
CA PRO F 78 -0.91 22.68 -88.64
CA VAL F 79 -4.03 24.16 -90.21
CA ASP F 80 -5.41 20.80 -91.24
CA LYS F 81 -3.59 17.75 -89.90
CA VAL F 82 -6.88 15.94 -90.61
CA LYS F 83 -7.66 16.31 -94.31
CA LEU F 84 -4.10 15.12 -94.76
CA ILE F 85 -5.37 11.92 -93.07
CA LYS F 86 -7.94 11.78 -95.78
CA GLU F 87 -6.58 10.82 -99.20
CA ILE F 88 -3.92 9.06 -97.19
CA LYS F 89 -6.60 6.65 -96.00
CA ASN F 90 -7.87 3.32 -97.18
CA TYR F 91 -6.66 4.37 -100.56
CA VAL F 92 -2.94 4.23 -101.24
CA GLN F 93 -1.74 2.50 -98.00
CA GLY F 94 -5.14 0.89 -97.21
CA ILE F 95 -4.49 2.45 -93.88
CA ASN F 96 -6.77 2.49 -90.90
CA LEU F 97 -7.49 5.88 -89.33
CA VAL F 98 -5.50 5.14 -86.14
CA GLN F 99 -2.20 4.19 -87.81
CA ALA F 100 -3.06 6.72 -90.49
CA LYS F 101 -2.67 9.19 -87.59
CA LYS F 102 0.97 8.47 -86.90
CA LEU F 103 1.96 8.34 -90.49
CA VAL F 104 0.79 11.72 -91.57
CA GLU F 105 1.58 13.03 -88.07
CA SER F 106 5.18 11.69 -88.16
CA LEU F 107 6.95 14.16 -90.40
CA PRO F 108 9.17 13.94 -92.36
CA GLN F 109 7.80 10.54 -93.35
CA GLU F 110 6.92 8.50 -96.35
CA ILE F 111 3.34 7.89 -97.42
CA LYS F 112 3.28 5.44 -100.31
CA ALA F 113 4.59 5.58 -103.68
CA ASN F 114 7.13 3.05 -104.82
CA VAL F 115 6.36 3.99 -108.37
CA ALA F 116 7.97 6.03 -111.05
CA LYS F 117 6.69 9.47 -112.23
CA ALA F 118 3.16 8.68 -113.36
CA GLU F 119 1.74 7.90 -110.01
CA ALA F 120 3.72 9.95 -107.46
CA GLU F 121 2.83 12.86 -109.66
CA LYS F 122 -0.83 12.02 -109.31
CA ILE F 123 -0.23 12.06 -105.58
CA LYS F 124 2.16 15.06 -105.34
CA ALA F 125 -0.95 16.59 -106.76
CA ALA F 126 -4.15 15.74 -104.79
CA LEU F 127 -1.92 15.17 -101.77
CA GLU F 128 -0.58 18.64 -102.60
CA ALA F 129 -4.03 20.13 -103.43
CA VAL F 130 -4.84 19.59 -99.76
CA GLY F 131 -2.12 21.69 -98.07
CA GLY F 132 0.83 19.38 -97.34
CA THR F 133 3.98 20.13 -99.44
CA VAL F 134 5.74 16.94 -100.48
CA VAL F 135 8.72 15.99 -102.65
CA LEU F 136 9.55 13.30 -105.24
CA GLU F 137 12.97 12.62 -103.80
CA PRO G 1 -13.10 -8.22 -103.42
CA LYS G 2 -15.43 -5.24 -102.99
CA ILE G 3 -15.96 -3.65 -106.42
CA GLN G 4 -15.59 0.16 -106.72
CA GLN G 5 -14.10 0.13 -103.26
CA LEU G 6 -10.77 -1.55 -102.53
CA VAL G 7 -10.96 -2.55 -106.13
CA GLN G 8 -10.24 1.13 -106.94
CA ASP G 9 -7.49 1.64 -104.38
CA ILE G 10 -5.60 -1.42 -105.78
CA ALA G 11 -6.89 -0.89 -109.34
CA SER G 12 -5.56 1.96 -111.48
CA LEU G 13 -2.11 1.59 -109.92
CA THR G 14 1.10 0.05 -111.26
CA LEU G 15 3.22 -3.17 -110.86
CA LEU G 16 5.69 -2.38 -107.99
CA GLU G 17 2.86 -0.89 -105.96
CA ILE G 18 1.98 -4.45 -104.75
CA SER G 19 5.54 -4.77 -103.50
CA ASP G 20 6.28 -1.92 -100.89
CA LEU G 21 2.55 -2.37 -100.35
CA ASN G 22 1.29 -5.87 -99.37
CA GLU G 23 4.24 -5.50 -97.03
CA LEU G 24 2.70 -2.26 -95.73
CA LEU G 25 -0.69 -3.75 -94.81
CA LYS G 26 1.26 -6.63 -93.29
CA LYS G 27 3.52 -4.27 -91.28
CA THR G 28 4.49 -2.74 -88.08
CA LEU G 29 3.22 -5.92 -86.58
CA LYS G 30 2.80 -9.44 -87.89
CA ILE G 31 0.27 -10.82 -90.28
CA GLN G 32 -2.42 -13.43 -90.58
CA ASP G 33 -4.28 -10.64 -92.51
CA VAL G 34 -1.64 -10.35 -95.23
CA GLY G 35 1.44 -12.46 -95.18
CA LEU G 36 3.38 -15.34 -96.50
CA MET G 37 0.72 -17.72 -97.75
CA PRO G 38 1.30 -20.45 -95.00
CA MET G 39 0.94 -17.91 -92.18
CA GLY G 40 -2.53 -16.87 -93.17
CA GLY G 41 -4.93 -17.73 -91.59
CA MET G 42 -8.59 -16.99 -91.27
CA VAL G 43 -7.71 -15.91 -94.63
CA PRO G 44 -5.07 -16.91 -97.30
CA GLY G 45 -1.79 -15.33 -96.22
CA ALA G 46 -1.20 -13.58 -99.52
CA ALA G 47 -3.88 -10.92 -99.19
CA PRO G 48 -5.13 -9.83 -101.57
CA ALA G 49 -3.39 -12.78 -103.18
CA PRO G 50 -4.61 -11.48 -106.61
CA THR G 51 -2.58 -8.27 -106.29
CA ALA G 52 0.63 -9.79 -107.74
CA PRO G 53 -1.27 -10.74 -111.00
CA GLU G 54 -3.69 -7.72 -110.79
CA ALA G 55 -0.96 -4.99 -110.72
CA ALA G 56 0.54 -6.83 -113.57
CA GLU G 57 -2.53 -6.74 -115.73
CA GLU G 58 -1.24 -3.18 -115.24
CA ASP G 59 2.06 -3.69 -117.21
CA VAL G 60 0.13 -5.41 -119.99
CA PRO G 61 -1.80 -3.14 -121.13
CA LYS G 62 0.59 -0.41 -119.90
CA GLN G 63 2.08 -1.39 -123.28
CA LYS G 64 -1.28 -0.99 -125.10
CA GLU G 65 -1.20 2.61 -123.89
CA ARG G 66 1.96 4.58 -123.55
CA THR G 67 2.40 5.04 -119.84
CA HIS G 68 5.14 2.34 -120.06
CA PHE G 69 7.29 1.56 -123.01
CA THR G 70 9.01 -1.51 -124.26
CA VAL G 71 11.63 -1.22 -126.91
CA ARG G 72 11.85 -4.29 -129.11
CA LEU G 73 14.67 -4.98 -131.45
CA THR G 74 14.44 -6.04 -134.98
CA GLU G 75 17.63 -7.00 -136.82
CA ALA G 76 21.37 -6.37 -136.75
CA LYS G 77 21.64 -4.46 -139.99
CA PRO G 78 23.63 -4.44 -142.09
CA VAL G 79 25.98 -6.25 -139.71
CA ASP G 80 27.42 -5.31 -136.26
CA LYS G 81 25.65 -8.37 -134.77
CA VAL G 82 28.71 -8.65 -132.59
CA LYS G 83 28.04 -5.13 -131.28
CA LEU G 84 24.34 -5.74 -130.71
CA ILE G 85 25.25 -8.52 -128.30
CA LYS G 86 27.77 -6.16 -126.61
CA GLU G 87 25.19 -3.56 -125.86
CA ILE G 88 22.83 -6.10 -124.30
CA LYS G 89 25.45 -8.07 -122.42
CA ASN G 90 27.16 -4.98 -121.02
CA TYR G 91 25.45 -1.67 -120.30
CA VAL G 92 21.86 -2.98 -120.39
CA GLN G 93 20.36 -5.49 -117.95
CA GLY G 94 21.21 -8.88 -119.49
CA ILE G 95 24.82 -9.90 -118.85
CA ASN G 96 25.57 -13.40 -120.06
CA LEU G 97 26.91 -14.60 -123.37
CA VAL G 98 24.82 -17.73 -123.79
CA GLN G 99 21.47 -15.90 -123.51
CA ALA G 100 22.72 -12.53 -124.83
CA LYS G 101 23.42 -14.48 -128.03
CA LYS G 102 19.74 -15.59 -127.89
CA LEU G 103 18.20 -12.31 -126.90
CA VAL G 104 19.54 -10.67 -130.10
CA GLU G 105 20.30 -12.36 -133.41
CA SER G 106 16.60 -13.22 -133.19
CA LEU G 107 14.51 -10.67 -135.16
CA PRO G 108 11.54 -10.09 -132.78
CA GLN G 109 13.28 -9.55 -129.44
CA GLU G 110 12.12 -7.80 -126.28
CA ILE G 111 14.94 -5.96 -124.46
CA LYS G 112 13.68 -3.56 -121.80
CA ALA G 113 10.09 -3.14 -121.11
CA ASN G 114 8.64 -0.96 -118.54
CA VAL G 115 10.78 2.14 -118.05
CA ALA G 116 9.51 5.56 -119.28
CA LYS G 117 10.03 7.51 -122.56
CA ALA G 118 13.65 8.99 -122.38
CA GLU G 119 15.06 5.65 -121.45
CA ALA G 120 13.40 4.96 -124.79
CA GLU G 121 16.24 7.02 -126.32
CA LYS G 122 19.01 5.74 -124.12
CA ILE G 123 17.81 2.37 -125.29
CA LYS G 124 17.57 3.22 -129.01
CA ALA G 125 20.95 5.02 -128.95
CA ALA G 126 22.99 2.17 -127.49
CA LEU G 127 21.40 -0.26 -129.87
CA GLU G 128 20.18 1.64 -132.95
CA ALA G 129 23.44 3.50 -133.10
CA VAL G 130 25.39 0.36 -133.60
CA GLY G 131 23.93 -1.84 -136.34
CA GLY G 132 20.53 -2.75 -134.88
CA THR G 133 17.17 -1.29 -135.88
CA VAL G 134 14.97 -1.12 -132.72
CA VAL G 135 11.34 0.11 -132.33
CA LEU G 136 9.39 1.47 -129.30
CA GLU G 137 5.70 0.92 -128.57
CA LYS H 1 -24.33 6.37 -94.11
CA PRO H 2 -23.05 9.35 -91.96
CA GLU H 3 -21.35 7.03 -89.41
CA VAL H 4 -21.47 3.22 -89.00
CA GLY H 5 -23.49 1.57 -86.27
CA GLY H 6 -21.87 -1.86 -85.71
CA VAL H 7 -23.97 -4.87 -84.53
CA ILE H 8 -26.71 -7.25 -85.79
CA ARG H 9 -28.22 -10.70 -85.10
CA ALA H 10 -31.95 -11.54 -84.65
CA ILE H 11 -33.75 -14.83 -85.40
CA VAL H 12 -37.44 -13.90 -85.30
CA ARG H 13 -40.47 -15.91 -86.47
CA ALA H 14 -42.02 -15.60 -89.97
CA GLY H 15 -44.66 -13.93 -87.80
CA LEU H 16 -44.87 -12.69 -84.18
CA ALA H 17 -42.60 -9.63 -84.01
CA MET H 18 -43.42 -6.84 -81.47
CA PRO H 19 -45.17 -6.11 -78.87
CA GLY H 20 -42.56 -4.40 -76.64
CA PRO H 21 -40.37 -6.64 -74.41
CA PRO H 22 -39.23 -8.90 -76.01
CA LEU H 23 -38.17 -7.13 -79.27
CA GLY H 24 -39.27 -3.55 -78.58
CA PRO H 25 -36.95 -1.58 -76.17
CA VAL H 26 -34.35 -3.89 -77.78
CA LEU H 27 -33.76 -2.90 -81.45
CA GLY H 28 -34.42 0.48 -80.02
CA GLN H 29 -31.29 1.63 -77.99
CA ARG H 30 -29.96 1.06 -81.52
CA GLY H 31 -31.30 3.14 -84.49
CA VAL H 32 -34.04 0.69 -85.61
CA SER H 33 -37.80 1.18 -86.23
CA ILE H 34 -39.96 -1.02 -83.94
CA ASN H 35 -43.16 -0.29 -85.90
CA GLN H 36 -41.82 -0.97 -89.42
CA PHE H 37 -40.17 -3.96 -87.69
CA CYS H 38 -43.43 -5.92 -87.81
CA LYS H 39 -44.71 -6.85 -91.31
CA GLU H 40 -41.53 -6.11 -93.25
CA PHE H 41 -39.27 -9.16 -92.88
CA ASN H 42 -42.55 -10.84 -91.82
CA GLU H 43 -44.34 -10.32 -95.17
CA ARG H 44 -41.22 -11.53 -97.01
CA THR H 45 -40.68 -14.47 -94.59
CA LYS H 46 -44.17 -15.74 -95.22
CA ASP H 47 -43.20 -17.83 -98.28
CA ILE H 48 -42.43 -21.56 -97.48
CA LYS H 49 -40.22 -20.12 -94.65
CA GLU H 50 -42.62 -20.69 -91.74
CA GLY H 51 -42.36 -23.10 -88.76
CA ILE H 52 -38.54 -22.59 -88.58
CA PRO H 53 -36.66 -19.33 -87.55
CA LEU H 54 -35.21 -16.71 -89.93
CA PRO H 55 -32.85 -14.51 -89.19
CA THR H 56 -33.06 -10.98 -90.60
CA LYS H 57 -30.16 -8.52 -90.83
CA ILE H 58 -31.15 -5.06 -89.62
CA LEU H 59 -27.54 -3.67 -89.49
CA VAL H 60 -27.71 -0.54 -87.29
CA LYS H 61 -27.71 2.64 -89.32
CA PRO H 62 -28.00 6.29 -88.24
CA ASP H 63 -30.94 8.17 -89.91
CA ARG H 64 -33.39 5.70 -88.19
CA THR H 65 -33.70 3.17 -91.02
CA PHE H 66 -32.83 -0.52 -90.95
CA GLU H 67 -32.04 -3.18 -93.54
CA ILE H 68 -34.04 -6.37 -93.92
CA LYS H 69 -32.24 -9.35 -95.32
CA ILE H 70 -33.87 -12.74 -95.41
CA GLY H 71 -31.69 -15.74 -94.48
CA GLN H 72 -32.20 -19.02 -96.39
CA PRO H 73 -33.38 -20.20 -93.79
CA THR H 74 -34.21 -23.61 -95.35
CA VAL H 75 -30.75 -24.60 -94.01
CA SER H 76 -31.10 -25.61 -90.30
CA TYR H 77 -34.65 -26.44 -91.29
CA PHE H 78 -35.48 -30.09 -92.22
CA LEU H 79 -32.00 -30.50 -90.65
CA LYS H 80 -33.32 -29.00 -87.34
CA ALA H 81 -36.50 -31.15 -87.44
CA ALA H 82 -35.81 -34.28 -89.58
CA ALA H 83 -33.06 -35.09 -87.02
CA GLY H 84 -32.74 -34.28 -83.25
CA ILE H 85 -34.39 -31.08 -81.97
CA GLU H 86 -33.54 -28.89 -78.87
CA LYS H 87 -33.30 -32.18 -76.87
CA GLY H 88 -31.22 -33.91 -79.64
CA ALA H 89 -28.44 -35.80 -77.86
CA ARG H 90 -26.41 -34.32 -74.96
CA GLN H 91 -23.54 -36.56 -76.15
CA THR H 92 -22.59 -36.96 -79.81
CA GLY H 93 -22.09 -40.56 -80.97
CA LYS H 94 -23.58 -42.02 -77.73
CA GLU H 95 -27.35 -41.46 -78.26
CA VAL H 96 -29.11 -42.73 -81.40
CA ALA H 97 -31.60 -40.10 -82.62
CA GLY H 98 -32.70 -39.36 -86.22
CA LEU H 99 -31.44 -40.95 -89.45
CA VAL H 100 -29.83 -39.67 -92.64
CA THR H 101 -30.03 -41.08 -96.16
CA LEU H 102 -28.91 -40.29 -99.72
CA LYS H 103 -31.54 -37.81 -101.03
CA HIS H 104 -31.86 -36.75 -97.33
CA VAL H 105 -28.74 -34.56 -96.65
CA TYR H 106 -28.86 -33.72 -100.31
CA GLU H 107 -32.08 -31.62 -99.83
CA ILE H 108 -29.62 -29.72 -97.68
CA ALA H 109 -26.40 -29.42 -99.70
CA ARG H 110 -28.81 -28.23 -102.37
CA ILE H 111 -30.19 -25.58 -99.99
CA LYS H 112 -26.50 -25.23 -99.09
CA ALA H 113 -25.36 -24.33 -102.63
CA GLN H 114 -24.94 -20.81 -104.22
CA ASP H 115 -25.71 -19.08 -100.91
CA GLU H 116 -25.93 -15.50 -99.78
CA ALA H 117 -25.90 -16.71 -96.16
CA PHE H 118 -22.24 -17.66 -95.35
CA ALA H 119 -21.67 -21.39 -95.20
CA LEU H 120 -19.50 -23.21 -97.82
CA GLN H 121 -18.72 -22.42 -101.47
CA ASP H 122 -17.87 -25.78 -102.96
CA VAL H 123 -17.97 -27.45 -106.43
CA PRO H 124 -21.58 -28.38 -107.42
CA LEU H 125 -22.01 -32.11 -106.53
CA SER H 126 -20.72 -34.16 -103.52
CA SER H 127 -18.46 -31.24 -102.48
CA VAL H 128 -21.61 -29.24 -101.53
CA VAL H 129 -22.61 -32.55 -99.87
CA ARG H 130 -20.29 -34.01 -97.16
CA SER H 131 -20.39 -30.73 -95.13
CA ILE H 132 -23.72 -32.00 -93.74
CA ILE H 133 -22.08 -35.32 -92.78
CA GLY H 134 -20.15 -33.89 -89.84
CA SER H 135 -23.04 -31.62 -88.77
CA ALA H 136 -25.45 -34.56 -89.27
CA ARG H 137 -23.48 -36.30 -86.55
CA SER H 138 -22.21 -33.78 -83.91
CA LEU H 139 -25.97 -33.04 -83.68
CA GLY H 140 -27.12 -36.72 -83.53
CA ILE H 141 -28.37 -38.75 -86.52
CA ARG H 142 -27.69 -42.21 -87.95
CA VAL H 143 -24.93 -42.66 -90.67
CA VAL H 144 -25.43 -41.26 -94.22
CA LYS H 145 -26.70 -43.29 -97.14
CA MET I 1 52.93 19.47 -5.20
CA SER I 2 50.77 20.77 -8.11
CA SER I 3 51.55 24.04 -9.95
CA PHE I 4 49.92 27.23 -8.65
CA SER I 5 49.38 30.61 -10.37
CA ARG I 6 50.39 33.89 -8.67
CA ALA I 7 46.82 35.22 -9.03
CA PRO I 8 43.39 34.04 -10.23
CA GLN I 9 43.46 33.64 -14.06
CA GLN I 10 41.87 37.10 -14.42
CA TRP I 11 43.27 40.10 -12.55
CA ALA I 12 43.39 43.82 -13.45
CA THR I 13 47.22 43.64 -13.16
CA PHE I 14 47.31 40.26 -14.96
CA ALA I 15 46.32 38.73 -18.33
CA ARG I 16 43.47 36.36 -19.10
CA ILE I 17 43.29 35.07 -22.66
CA TRP I 18 39.97 35.18 -24.52
CA TYR I 19 38.89 32.90 -27.35
CA LEU I 20 36.91 33.26 -30.55
CA LEU I 21 34.96 30.39 -32.05
CA ASP I 22 33.20 31.05 -35.37
CA GLY I 23 29.52 30.42 -34.45
CA LYS I 24 29.03 30.82 -38.24
CA MET I 25 28.67 27.04 -38.85
CA GLN I 26 26.13 24.19 -39.06
CA PRO I 27 26.92 21.87 -36.05
CA PRO I 28 24.95 22.69 -32.86
CA GLY I 29 26.36 19.55 -31.10
CA LYS I 30 29.91 20.73 -31.86
CA LEU I 31 30.25 24.27 -30.33
CA ALA I 32 28.24 22.82 -27.39
CA ALA I 33 31.66 21.47 -26.36
CA MET I 34 35.03 23.21 -27.10
CA ALA I 35 33.26 26.30 -25.63
CA SER I 36 32.48 24.80 -22.19
CA ILE I 37 35.85 22.98 -22.73
CA ARG I 38 37.33 26.33 -22.14
CA LEU I 39 36.15 27.64 -18.72
CA GLN I 40 37.88 25.71 -15.79
CA GLY I 41 39.82 22.90 -17.52
CA LEU I 42 40.68 24.81 -20.70
CA HIS I 43 44.06 23.41 -21.58
CA LYS I 44 47.15 24.97 -19.96
CA PRO I 45 48.70 27.26 -18.66
CA VAL I 46 47.74 25.66 -15.32
CA TYR I 47 44.16 26.27 -14.28
CA HIS I 48 43.94 25.38 -10.59
CA ALA I 49 40.83 23.56 -9.39
CA LEU I 50 38.97 25.18 -6.44
CA SER I 51 39.63 28.56 -8.17
CA ASP I 52 37.66 30.28 -10.94
CA CYS I 53 39.09 30.36 -14.42
CA GLY I 54 36.57 30.99 -17.27
CA ASP I 55 38.03 33.16 -19.97
CA HIS I 56 35.90 35.08 -22.51
CA VAL I 57 34.50 33.46 -25.63
CA VAL I 58 32.62 35.55 -28.11
CA ILE I 59 30.25 33.82 -30.51
CA MET I 60 29.71 35.42 -33.93
CA ASN I 61 26.70 35.20 -36.26
CA THR I 62 24.51 32.80 -34.25
CA ARG I 63 21.48 33.92 -36.34
CA HIS I 64 22.26 31.35 -39.07
CA ILE I 65 22.76 28.24 -37.01
CA ALA I 66 21.05 25.71 -39.24
CA PHE I 67 19.80 22.76 -37.20
CA SER I 68 19.44 19.04 -38.13
CA GLY I 69 16.20 19.79 -40.07
CA ASN I 70 14.45 16.52 -39.06
CA LYS I 71 13.60 17.97 -35.62
CA TRP I 72 11.38 21.01 -35.26
CA GLU I 73 8.40 21.24 -32.81
CA GLN I 74 9.12 17.84 -31.18
CA LYS I 75 12.35 18.74 -29.39
CA VAL I 76 11.57 20.46 -26.09
CA TYR I 77 12.59 23.62 -24.26
CA SER I 78 11.46 24.99 -20.85
CA SER I 79 10.77 28.25 -19.05
CA HIS I 80 11.75 29.14 -15.46
CA THR I 81 9.82 27.81 -12.44
CA GLY I 82 8.08 29.74 -9.63
CA TYR I 83 4.70 31.49 -9.65
CA PRO I 84 1.94 31.59 -10.70
CA GLY I 85 1.07 27.85 -10.44
CA GLY I 86 0.28 27.90 -14.20
CA PHE I 87 3.77 27.20 -15.63
CA ARG I 88 5.39 25.00 -18.38
CA GLN I 89 4.28 27.24 -21.28
CA VAL I 90 7.29 27.08 -23.48
CA THR I 91 7.39 27.19 -27.25
CA ALA I 92 9.48 25.45 -29.93
CA ALA I 93 13.06 26.27 -31.10
CA GLN I 94 11.99 27.65 -34.48
CA LEU I 95 10.31 30.56 -32.76
CA HIS I 96 12.74 31.92 -30.09
CA LEU I 97 15.36 31.44 -32.80
CA ARG I 98 14.39 35.15 -32.72
CA ASP I 99 17.02 36.17 -30.22
CA PRO I 100 19.41 34.31 -31.07
CA VAL I 101 21.02 35.17 -27.66
CA ALA I 102 18.79 32.63 -25.83
CA ILE I 103 19.66 29.55 -27.95
CA VAL I 104 23.45 29.48 -27.30
CA LYS I 105 23.74 30.98 -23.78
CA LEU I 106 21.02 28.43 -22.91
CA ALA I 107 23.13 25.59 -24.38
CA ILE I 108 26.39 26.05 -22.40
CA TYR I 109 23.90 25.81 -19.54
CA GLY I 110 23.61 22.02 -19.39
CA MET I 111 27.14 21.21 -18.22
CA LEU I 112 27.44 22.76 -14.84
CA PRO I 113 28.58 21.08 -11.59
CA LYS I 114 25.57 20.47 -9.27
CA ASN I 115 27.38 22.92 -6.99
CA LEU I 116 28.31 26.47 -8.10
CA HIS I 117 31.36 27.45 -10.32
CA ARG I 118 28.78 26.48 -12.94
CA ARG I 119 26.31 29.40 -13.45
CA THR I 120 29.08 31.99 -12.70
CA MET I 121 30.39 30.40 -15.89
CA MET I 122 27.49 31.83 -17.89
CA GLU I 123 28.84 35.45 -17.68
CA ARG I 124 32.39 34.65 -18.95
CA LEU I 125 31.33 33.56 -22.50
CA HIS I 126 29.20 36.12 -24.31
CA LEU I 127 26.85 35.63 -27.25
CA PHE I 128 26.38 38.03 -30.14
CA PRO I 129 23.96 37.55 -33.12
CA ASP I 130 25.55 39.87 -35.74
CA GLU I 131 28.77 39.49 -37.85
CA TYR I 132 32.31 39.73 -36.34
CA ILE I 133 31.53 43.40 -35.53
CA PRO I 134 30.21 42.16 -32.21
CA GLU I 135 33.72 40.90 -31.40
CA ASP I 136 35.12 44.48 -31.70
CA ILE I 137 32.86 45.60 -28.77
CA LEU I 138 35.01 43.30 -26.56
CA LYS I 139 38.35 45.15 -26.95
CA ASN I 140 40.59 42.09 -26.80
CA LEU I 141 42.98 40.60 -29.37
CA VAL I 142 41.08 37.98 -31.40
CA GLU I 143 42.10 34.60 -32.87
CA GLU I 144 39.87 32.73 -35.34
CA LEU I 145 40.00 29.19 -33.77
CA PRO I 146 37.25 28.10 -36.21
CA GLN I 147 36.28 24.63 -34.80
CA PRO I 148 38.64 21.57 -35.24
CA ASP J 1 7.37 -38.90 -21.74
CA ILE J 2 8.32 -35.46 -23.16
CA ARG J 3 7.93 -34.22 -26.70
CA GLY J 4 10.37 -31.33 -25.99
CA PRO J 5 11.29 -29.52 -22.72
CA SER J 6 12.93 -26.06 -22.26
CA THR J 7 14.37 -24.08 -25.21
CA GLU J 8 15.25 -26.84 -27.69
CA ALA J 9 18.19 -26.36 -30.05
CA THR J 10 16.66 -28.56 -32.78
CA GLU J 11 16.24 -27.33 -36.38
CA PHE J 12 15.50 -30.22 -38.76
CA THR J 13 13.67 -30.43 -42.09
CA GLU J 14 12.29 -33.93 -42.75
CA GLY J 15 12.29 -33.43 -46.55
CA ASN J 16 8.69 -32.16 -46.11
CA PHE J 17 7.78 -28.44 -46.21
CA ALA J 18 8.73 -26.78 -42.96
CA ILE J 19 6.36 -25.66 -40.25
CA LEU J 20 8.48 -24.31 -37.41
CA ALA J 21 7.89 -22.43 -34.16
CA LEU J 22 9.35 -19.08 -33.00
CA GLY J 23 9.75 -18.16 -29.29
CA GLY J 24 8.81 -20.49 -26.39
CA GLY J 25 5.03 -21.11 -26.52
CA TYR J 26 2.62 -23.94 -25.75
CA LEU J 27 -0.16 -25.28 -27.88
CA HIS J 28 -2.42 -27.45 -25.72
CA TRP J 29 -4.95 -30.25 -26.50
CA GLY J 30 -7.84 -29.65 -28.95
CA HIS J 31 -5.42 -27.13 -30.53
CA PHE J 32 -2.24 -28.90 -31.83
CA GLU J 33 -3.63 -32.51 -32.03
CA MET J 34 -6.67 -31.09 -33.90
CA MET J 35 -4.51 -28.67 -36.00
CA ARG J 36 -3.38 -31.96 -37.48
CA LEU J 37 -7.00 -32.74 -38.45
CA THR J 38 -8.14 -29.40 -39.94
CA ILE J 39 -5.14 -29.76 -42.29
CA ASN J 40 -6.53 -33.29 -43.14
CA ARG J 41 -9.75 -31.52 -44.11
CA SER J 42 -7.60 -29.32 -46.40
CA MET J 43 -4.44 -30.88 -48.00
CA ASP J 44 -5.71 -33.54 -50.45
CA PRO J 45 -6.43 -35.78 -52.41
CA LYS J 46 -4.05 -38.01 -50.40
CA ASN J 47 -1.14 -36.61 -48.37
CA MET J 48 1.42 -37.75 -45.80
CA PHE J 49 0.95 -36.28 -42.33
CA ALA J 50 3.93 -35.96 -40.04
CA ILE J 51 3.64 -34.69 -36.50
CA TRP J 52 6.80 -33.81 -34.64
CA ARG J 53 6.20 -33.45 -30.90
CA VAL J 54 2.84 -34.03 -29.15
CA PRO J 55 1.60 -34.67 -26.45
CA ALA J 56 3.47 -34.96 -23.12
CA PRO J 57 2.09 -36.72 -20.01
CA PHE J 58 4.18 -34.13 -18.05
CA LYS J 59 2.19 -30.99 -18.95
CA PRO J 60 -1.58 -31.77 -18.34
CA ILE J 61 -2.57 -29.07 -15.89
CA THR J 62 -5.54 -29.96 -13.76
CA ARG J 63 -6.58 -26.40 -12.76
CA LYS J 64 -9.61 -26.98 -10.53
CA SER J 65 -12.15 -24.11 -10.46
CA VAL J 66 -12.83 -23.53 -6.76
CA GLY J 67 -12.19 -20.62 -4.33
CA HIS J 68 -8.47 -19.88 -3.73
CA ARG J 69 -6.61 -22.11 -1.21
CA MET J 70 -8.53 -25.37 -1.48
CA GLY J 71 -7.36 -28.89 -2.53
CA GLY J 72 -4.93 -29.38 -5.44
CA GLY J 73 -5.97 -29.39 -9.12
CA LYS J 74 -8.46 -32.23 -9.79
CA GLY J 75 -8.82 -33.49 -13.38
CA ALA J 76 -6.84 -31.82 -16.19
CA ILE J 77 -8.91 -29.73 -18.61
CA ASP J 78 -5.62 -29.17 -20.52
CA HIS J 79 -3.47 -32.09 -21.72
CA TYR J 80 -0.14 -30.61 -22.99
CA VAL J 81 2.58 -28.02 -23.79
CA THR J 82 4.56 -27.49 -27.00
CA PRO J 83 8.28 -26.66 -27.27
CA VAL J 84 9.14 -23.84 -29.69
CA LYS J 85 12.10 -23.89 -32.10
CA ALA J 86 11.44 -26.02 -35.26
CA GLY J 87 9.28 -28.90 -36.54
CA ARG J 88 5.80 -28.38 -35.04
CA LEU J 89 4.58 -30.87 -37.60
CA VAL J 90 5.49 -31.18 -41.28
CA VAL J 91 3.69 -32.66 -44.29
CA GLU J 92 5.16 -34.18 -47.42
CA MET J 93 4.78 -31.87 -50.41
CA GLY J 94 2.50 -32.55 -53.37
CA GLY J 95 0.12 -30.50 -55.47
CA ARG J 96 -2.00 -27.71 -53.89
CA CYS J 97 -0.13 -25.35 -51.48
CA GLU J 98 2.08 -26.27 -48.55
CA PHE J 99 1.65 -22.52 -47.78
CA GLU J 100 -2.19 -23.00 -47.79
CA GLU J 101 -1.80 -25.92 -45.34
CA VAL J 102 0.50 -23.71 -43.19
CA GLN J 103 -2.36 -21.14 -43.14
CA GLY J 104 -4.48 -23.82 -41.36
CA PHE J 105 -1.76 -23.91 -38.67
CA LEU J 106 -1.62 -20.06 -38.50
CA ASP J 107 -5.31 -20.02 -37.47
CA GLN J 108 -5.35 -22.99 -35.03
CA VAL J 109 -2.06 -21.81 -33.43
CA ALA J 110 -1.10 -19.75 -30.35
CA HIS J 111 2.30 -17.98 -30.71
CA LYS J 112 4.26 -17.12 -33.90
CA LEU J 113 4.28 -20.44 -35.84
CA PRO J 114 6.30 -19.53 -38.94
CA PHE J 115 6.59 -21.71 -41.99
CA ALA J 116 9.77 -22.44 -43.94
CA ALA J 117 10.75 -24.02 -47.25
CA LYS J 118 13.71 -26.40 -47.77
CA HIS K 1 -15.88 53.57 9.06
CA GLY K 2 -12.53 55.50 9.14
CA ARG K 3 -10.82 57.34 12.00
CA VAL K 4 -14.00 58.54 13.82
CA PHE K 5 -15.08 59.82 17.26
CA ARG K 6 -14.56 57.17 19.89
CA ARG K 7 -14.10 53.80 19.19
CA MET K 8 -17.47 52.83 20.65
CA GLY K 9 -20.00 50.97 18.75
CA LEU K 10 -23.00 49.67 20.46
CA GLY K 11 -22.49 50.22 24.12
CA PRO K 12 -19.53 50.33 26.55
CA GLU K 13 -20.95 49.89 29.22
CA SER K 14 -19.04 51.81 31.89
CA ARG K 15 -16.88 53.68 29.38
CA ILE K 16 -20.08 55.66 28.50
CA HIS K 17 -21.40 56.31 31.97
CA LEU K 18 -18.01 57.36 33.43
CA LEU K 19 -17.90 60.12 31.68
CA ARG K 20 -20.44 61.27 34.52
CA ASN K 21 -17.98 60.19 37.28
CA LEU K 22 -15.70 62.45 35.44
CA LEU K 23 -17.87 65.52 34.36
CA THR K 24 -18.25 65.75 38.02
CA GLY K 25 -14.65 66.20 39.01
CA LEU K 26 -13.40 68.57 36.30
CA VAL K 27 -16.48 70.58 37.01
CA ARG K 28 -15.88 70.27 40.67
CA HIS K 29 -12.56 70.94 42.08
CA GLU K 30 -10.33 72.26 39.25
CA ARG K 31 -7.99 69.30 39.57
CA ILE K 32 -7.57 65.97 37.88
CA GLU K 33 -7.30 62.23 37.72
CA ALA K 34 -5.99 59.46 35.48
CA PRO K 35 -5.64 57.37 33.23
CA TRP K 36 -4.92 59.58 29.93
CA ALA K 37 -7.44 57.30 28.05
CA ARG K 38 -10.04 58.38 30.60
CA VAL K 39 -9.15 62.05 30.81
CA ASP K 40 -9.21 62.01 26.99
CA GLU K 41 -12.87 60.87 26.99
CA MET K 42 -13.96 63.21 29.78
CA ARG K 43 -12.48 65.99 27.64
CA GLY K 44 -15.36 65.53 25.27
CA TYR K 45 -18.30 64.76 27.49
CA ALA K 46 -17.36 67.71 29.48
CA GLU K 47 -16.96 70.54 27.14
CA LYS K 48 -19.83 69.31 25.16
CA LEU K 49 -21.50 69.88 28.55
CA ILE K 50 -20.11 73.43 28.08
CA ASP K 51 -21.75 74.01 24.72
CA TYR K 52 -25.10 73.61 26.33
CA GLY K 53 -25.21 76.40 28.97
CA LYS K 54 -23.20 78.51 26.56
CA LEU K 55 -25.85 81.14 27.27
CA GLY K 56 -28.07 80.83 30.38
CA ASP K 57 -31.72 79.72 29.83
CA THR K 58 -34.38 77.37 31.26
CA ASN K 59 -33.42 74.58 28.83
CA GLU K 60 -29.66 73.94 28.62
CA ARG K 61 -30.02 74.35 32.37
CA ALA K 62 -32.03 71.09 32.52
CA MET K 63 -29.83 69.40 29.93
CA ARG K 64 -26.80 70.11 32.09
CA MET K 65 -28.48 68.65 35.12
CA ALA K 66 -28.45 64.90 34.54
CA ASP K 67 -26.07 65.03 31.61
CA PHE K 68 -26.17 61.23 31.64
CA TRP K 69 -26.23 61.08 35.43
CA LEU K 70 -23.98 64.14 35.86
CA THR K 71 -26.83 65.20 38.21
CA GLU K 72 -25.30 67.12 41.10
CA LYS K 73 -26.69 70.55 42.05
CA ASP K 74 -23.17 71.70 42.98
CA LEU K 75 -21.96 71.26 39.42
CA ILE K 76 -24.97 72.48 37.55
CA PRO K 77 -24.67 75.89 39.03
CA LYS K 78 -20.94 76.57 38.46
CA LEU K 79 -20.23 76.01 34.88
CA PHE K 80 -23.05 78.47 34.96
CA GLN K 81 -22.88 82.18 36.02
CA VAL K 82 -19.17 81.45 36.28
CA LEU K 83 -17.21 79.01 34.12
CA ALA K 84 -19.68 79.35 31.26
CA PRO K 85 -18.46 82.95 31.32
CA ARG K 86 -14.69 82.98 30.96
CA TYR K 87 -15.68 80.98 27.85
CA LYS K 88 -17.48 84.02 26.52
CA ASP K 89 -15.03 84.27 23.59
CA GLN K 90 -13.43 80.82 23.41
CA THR K 91 -14.46 78.27 20.70
CA GLY K 92 -13.06 75.55 22.89
CA GLY K 93 -9.88 75.24 24.88
CA TYR K 94 -12.11 74.61 27.86
CA THR K 95 -9.97 72.17 29.89
CA ARG K 96 -6.53 71.17 28.70
CA MET K 97 -4.70 67.88 28.34
CA LEU K 98 -1.38 67.83 29.93
CA GLN K 99 -0.98 64.87 31.40
CA ILE K 100 2.31 63.49 32.24
CA PRO K 101 4.12 61.03 29.96
CA ASN K 102 3.47 57.41 30.80
CA ARG K 103 6.05 56.07 33.08
CA SER K 104 5.96 52.78 35.00
CA LEU K 105 6.30 49.05 34.31
CA ASP K 106 2.56 49.29 33.79
CA ARG K 107 1.40 50.92 30.57
CA ALA K 108 -1.01 53.42 31.89
CA LYS K 109 -1.55 56.93 31.62
CA MET K 110 -0.73 59.44 34.36
CA ALA K 111 -2.84 62.59 33.24
CA VAL K 112 -3.74 66.22 34.71
CA ILE K 113 -6.74 68.16 33.29
CA GLU K 114 -7.33 71.60 34.79
CA TYR K 115 -9.39 74.11 32.87
CA LYS K 116 -7.86 76.79 30.56
CA ILE L 1 -41.61 74.49 -11.11
CA PRO L 2 -41.72 70.99 -9.46
CA GLU L 3 -44.51 70.76 -6.83
CA PHE L 4 -45.38 73.35 -4.12
CA TYR L 5 -45.62 71.68 -0.69
CA VAL L 6 -44.36 68.09 -1.13
CA GLY L 7 -42.49 68.10 2.19
CA SER L 8 -43.66 66.14 5.28
CA ILE L 9 -46.61 63.60 5.58
CA LEU L 10 -48.83 64.72 2.76
CA ARG L 11 -50.69 62.23 0.69
CA VAL L 12 -50.67 63.43 -2.90
CA THR L 13 -51.49 61.98 -6.24
CA THR L 14 -49.10 61.37 -9.12
CA ALA L 15 -50.28 60.96 -12.70
CA ASP L 16 -48.18 59.22 -15.29
CA PRO L 17 -50.01 59.21 -18.68
CA TYR L 18 -47.60 56.30 -19.38
CA ALA L 19 -48.33 55.78 -23.10
CA SER L 20 -46.70 52.35 -23.22
CA GLY L 21 -48.04 50.72 -26.38
CA LYS L 22 -50.81 53.34 -25.85
CA ILE L 23 -52.13 51.57 -22.72
CA SER L 24 -52.65 54.14 -19.95
CA GLN L 25 -52.21 52.83 -16.39
CA PHE L 26 -53.86 56.16 -15.37
CA LEU L 27 -53.63 58.70 -12.50
CA GLY L 28 -53.54 57.19 -8.99
CA ILE L 29 -51.64 56.32 -5.79
CA CYS L 30 -51.61 58.22 -2.50
CA ILE L 31 -48.29 58.47 -0.65
CA GLN L 32 -47.02 59.32 2.85
CA ARG L 33 -44.29 61.63 1.49
CA SER L 34 -41.44 60.58 3.84
CA GLY L 35 -38.96 62.39 1.61
CA ARG L 36 -38.12 65.05 -0.95
CA GLY L 37 -35.75 65.65 -3.87
CA LEU L 38 -32.88 68.17 -4.27
CA GLY L 39 -30.46 69.42 -6.94
CA ALA L 40 -31.32 68.98 -10.66
CA THR L 41 -33.03 65.60 -10.02
CA PHE L 42 -35.80 65.84 -7.47
CA ILE L 43 -37.12 62.50 -6.28
CA LEU L 44 -40.71 62.01 -5.07
CA ARG L 45 -38.99 59.84 -2.51
CA ASN L 46 -40.13 57.38 0.12
CA VAL L 47 -43.40 56.49 -1.54
CA ILE L 48 -45.37 54.25 0.81
CA GLU L 49 -49.07 53.46 0.09
CA GLY L 50 -49.91 50.95 -2.62
CA GLN L 51 -52.63 48.36 -3.32
CA GLY L 52 -52.43 44.94 -1.57
CA VAL L 53 -48.89 44.80 -0.15
CA GLU L 54 -48.02 48.50 0.01
CA ILE L 55 -44.57 49.55 -1.10
CA CYS L 56 -43.87 52.32 -3.60
CA PHE L 57 -41.10 53.27 -5.98
CA GLU L 58 -39.89 56.76 -6.93
CA LEU L 59 -40.39 58.21 -10.41
CA TYR L 60 -40.41 62.01 -10.18
CA ASN L 61 -40.85 65.38 -11.84
CA PRO L 62 -39.59 66.59 -14.11
CA ARG L 63 -39.94 63.32 -16.11
CA VAL L 64 -41.10 62.14 -19.56
CA GLN L 65 -44.82 61.15 -19.62
CA GLU L 66 -45.63 62.68 -16.21
CA ILE L 67 -48.57 64.95 -15.36
CA GLN L 68 -48.29 67.28 -12.35
CA VAL L 69 -50.78 66.57 -9.54
CA VAL L 70 -51.80 68.78 -6.62
CA LYS L 71 -52.11 67.64 -2.98
CA LEU L 72 -55.20 68.05 -0.77
CA GLU L 73 -54.27 67.63 2.94
CA LYS L 74 -52.33 69.43 5.67
CA ARG L 75 -48.65 69.11 6.65
CA LEU L 76 -48.65 67.29 10.01
CA ASP L 77 -45.24 66.19 11.41
CA ASP L 78 -42.31 67.87 13.20
CA SER L 79 -40.14 65.22 11.45
CA LEU L 80 -38.40 66.06 8.20
CA LEU L 81 -37.91 64.73 4.68
CA TYR L 82 -36.62 62.10 7.15
CA LEU L 83 -39.35 59.62 8.14
CA ARG L 84 -38.13 56.22 9.35
CA ASP L 85 -41.41 55.36 11.09
CA ALA L 86 -43.91 55.18 8.17
CA LEU L 87 -43.39 51.49 7.29
CA PRO L 88 -42.95 49.58 9.51
CA GLU L 89 -45.70 51.76 11.21
CA TYR L 90 -48.20 49.59 9.20
CA SER L 91 -52.01 49.91 8.68
CA THR L 92 -53.71 50.60 12.05
CA PHE L 93 -53.29 53.69 14.29
CA ASP L 94 -50.25 55.90 13.35
CA VAL L 95 -50.86 55.44 9.56
CA ASN L 96 -51.24 59.17 8.96
CA MET L 97 -49.80 61.57 11.61
CA LYS L 98 -46.66 60.26 13.41
CA LEU M 1 40.55 4.14 47.46
CA TRP M 2 41.67 2.85 44.02
CA LEU M 3 41.78 5.38 41.17
CA ARG M 4 38.81 5.03 38.83
CA ASN M 5 37.79 6.55 35.45
CA ARG M 6 37.90 10.39 35.25
CA VAL M 7 40.70 9.61 32.69
CA THR M 8 38.66 7.34 30.43
CA ASP M 9 35.82 8.14 27.95
CA ARG M 10 35.47 11.61 29.35
CA TYR M 11 37.60 14.71 28.68
CA PHE M 12 40.73 12.98 27.32
CA ARG M 13 39.72 10.66 24.49
CA ILE M 14 36.80 12.96 23.71
CA GLN M 15 39.11 15.96 23.50
CA GLU M 16 41.10 14.73 20.44
CA VAL M 17 37.86 14.85 18.47
CA LEU M 18 36.64 18.18 19.78
CA LYS M 19 39.80 20.20 19.48
CA HIS M 20 39.80 19.77 15.71
CA ALA M 21 37.19 21.54 13.59
CA ARG M 22 37.54 25.29 13.91
CA HIS M 23 34.69 25.32 11.42
CA PHE M 24 31.87 23.07 12.50
CA ARG M 25 28.12 23.86 12.48
CA GLY M 26 24.99 22.87 14.43
CA ARG M 27 26.39 20.96 17.39
CA LYS M 28 28.71 18.45 15.59
CA ASN M 29 31.72 19.68 17.63
CA ARG M 30 29.86 20.35 20.86
CA CYS M 31 29.33 16.61 21.09
CA TYR M 32 31.11 13.24 21.00
CA ARG M 33 29.40 10.67 18.82
CA LEU M 34 28.36 13.30 16.29
CA ALA M 35 31.68 15.15 16.10
CA VAL M 36 32.95 12.03 15.13
CA ARG M 37 30.08 11.62 12.25
CA THR M 38 31.44 14.69 10.66
CA VAL M 39 33.42 12.16 11.02
CA ILE M 40 32.48 8.30 12.24
CA ARG M 41 30.44 7.25 9.41
CA ALA M 42 33.44 8.65 7.50
CA PHE M 43 36.74 6.80 7.10
CA VAL M 44 35.22 4.31 4.73
CA LYS M 45 35.20 5.83 1.23
CA CYS M 46 38.20 7.68 2.72
CA THR M 47 40.36 4.69 3.61
CA LYS M 48 39.77 4.58 -0.14
CA ALA M 49 43.21 4.22 -1.15
CA ARG M 50 45.84 5.95 -3.37
CA TYR M 51 49.32 4.15 -3.10
CA LEU M 52 50.22 6.52 -5.83
CA LYS M 53 50.13 9.83 -3.90
CA LYS M 54 51.51 11.98 -6.70
CA LYS M 55 49.75 10.03 -9.31
CA ASN M 56 47.84 12.79 -8.36
CA MET M 57 47.20 14.02 -11.88
CA ARG M 58 49.71 11.73 -13.59
CA THR M 59 47.95 11.54 -16.83
CA LEU M 60 47.09 15.18 -17.69
CA TRP M 61 50.58 16.10 -16.76
CA ILE M 62 50.60 14.49 -20.22
CA ASN M 63 47.73 16.75 -21.29
CA ARG M 64 49.85 19.78 -20.54
CA ILE M 65 52.43 18.65 -23.01
CA THR M 66 49.91 18.30 -25.81
CA ALA M 67 48.67 21.83 -26.13
CA ALA M 68 52.23 23.01 -25.45
CA SER M 69 53.61 21.47 -28.62
CA GLN M 70 50.65 21.93 -30.88
CA GLU M 71 51.71 25.60 -30.93
CA HIS M 72 55.04 24.60 -32.57
CA GLY M 73 53.22 22.11 -34.77
CA LEU M 74 53.25 18.52 -33.61
CA LYS M 75 51.05 17.17 -30.83
CA TYR M 76 51.91 14.59 -28.15
CA PRO M 77 51.50 11.17 -29.94
CA ALA M 78 54.93 12.50 -30.92
CA LEU M 79 57.26 14.76 -28.83
CA ILE M 80 57.41 11.62 -26.80
CA GLY M 81 58.61 8.75 -29.00
CA ASN M 82 61.06 11.30 -30.13
CA LEU M 83 62.25 11.23 -26.57
CA VAL M 84 63.68 7.70 -26.25
CA LYS M 85 65.41 7.80 -29.66
CA CYS M 86 67.98 10.66 -29.74
CA GLN M 87 70.16 11.88 -26.83
CA VAL M 88 69.18 10.40 -23.40
CA GLU M 89 65.79 11.92 -22.95
CA LEU M 90 64.57 10.20 -19.83
CA ASN M 91 60.89 10.91 -19.29
CA ARG M 92 59.04 14.06 -18.66
CA LYS M 93 58.39 14.65 -14.93
CA VAL M 94 58.82 18.27 -14.12
CA LEU M 95 58.71 18.51 -17.90
CA ALA M 96 55.03 18.93 -18.58
CA ASP M 97 54.56 21.54 -15.85
CA LEU M 98 57.76 23.03 -17.35
CA ALA M 99 55.82 23.80 -20.49
CA ILE M 100 53.18 25.70 -18.44
CA TYR M 101 55.61 28.60 -17.78
CA GLU M 102 57.05 30.21 -21.00
CA PRO M 103 59.52 28.39 -20.87
CA LYS M 104 62.75 28.74 -22.74
CA THR M 105 62.80 24.93 -22.56
CA PHE M 106 59.64 23.74 -24.28
CA LYS M 107 60.96 24.13 -27.82
CA SER M 108 64.14 22.69 -26.49
CA LEU M 109 62.22 19.42 -26.12
CA ALA M 110 60.57 20.09 -29.44
CA ALA M 111 63.14 20.71 -32.17
CA LEU M 112 64.79 17.77 -30.36
CA ALA M 113 61.54 16.23 -31.52
CA SER M 114 61.24 16.69 -35.33
CA ARG M 115 65.04 16.27 -35.73
CA ARG M 116 64.28 12.72 -36.83
CA ARG M 117 61.01 10.67 -36.91
CA HIS M 118 60.67 12.66 -40.15
CA HIS N 1 31.57 51.79 45.83
CA CYS N 2 27.79 52.33 45.46
CA ARG N 3 26.51 48.80 46.28
CA ARG N 4 22.83 47.79 46.77
CA GLN N 5 19.56 49.15 45.38
CA ILE N 6 16.73 48.03 43.02
CA LYS N 7 17.85 47.20 39.48
CA TYR N 8 17.73 44.10 37.23
CA SER N 9 18.80 40.54 37.94
CA LYS N 10 22.34 40.00 39.39
CA ASP N 11 23.99 38.63 36.31
CA LYS N 12 22.55 40.94 33.73
CA MET N 13 24.62 43.32 35.94
CA TRP N 14 27.50 40.75 36.05
CA TYR N 15 27.72 41.02 32.16
CA LEU N 16 28.97 44.58 32.01
CA ALA N 17 30.75 44.02 35.33
CA LYS N 18 32.94 41.63 33.31
CA LEU N 19 33.91 44.37 30.83
CA ILE N 20 34.73 46.82 33.59
CA ARG N 21 37.13 44.12 34.87
CA GLY N 22 40.79 44.51 33.99
CA MET N 23 43.01 47.58 34.22
CA SER N 24 43.18 51.43 34.09
CA ILE N 25 39.93 53.24 34.89
CA ASP N 26 40.13 55.22 31.66
CA GLN N 27 39.30 52.32 29.34
CA ALA N 28 36.60 51.48 31.87
CA LEU N 29 34.58 54.64 31.02
CA ALA N 30 35.66 54.57 27.35
CA GLN N 31 33.92 51.25 27.01
CA LEU N 32 30.60 51.38 28.83
CA GLU N 33 29.74 54.85 27.45
CA PHE N 34 27.72 52.79 25.00
CA ASN N 35 27.10 49.05 24.73
CA ASP N 36 24.19 46.81 23.54
CA LYS N 37 22.81 45.73 26.95
CA LYS N 38 21.12 47.08 30.05
CA GLY N 39 23.59 47.50 32.98
CA ALA N 40 25.94 50.30 31.70
CA LYS N 41 24.06 53.09 33.30
CA ILE N 42 24.09 52.35 36.98
CA ILE N 43 27.16 50.13 36.58
CA LYS N 44 28.55 53.29 34.88
CA GLU N 45 27.63 55.27 38.01
CA VAL N 46 29.36 52.83 40.38
CA LEU N 47 32.76 53.33 38.77
CA LEU N 48 33.35 57.08 38.55
CA GLU N 49 31.71 57.12 42.05
CA ALA N 50 34.57 54.92 43.02
CA GLN N 51 37.31 56.95 41.25
CA ASP N 52 35.82 59.96 42.97
CA MET N 53 35.77 58.41 46.47
CA ALA N 54 39.13 56.71 45.93
CA VAL N 55 40.75 60.03 45.11
CA ARG N 56 39.25 62.03 47.99
CA ASP N 57 39.54 59.26 50.61
CA HIS N 58 42.00 56.39 50.17
CA ASN N 59 43.84 59.24 48.50
CA VAL N 60 45.24 58.29 45.09
CA GLU N 61 46.10 59.95 41.74
CA PHE N 62 43.58 59.62 38.86
CA ARG N 63 46.30 58.90 36.28
CA SER N 64 48.07 55.64 37.22
CA ASN N 65 47.38 53.63 40.38
CA LEU N 66 43.67 53.72 39.55
CA TYR N 67 43.09 50.41 37.85
CA ILE N 68 39.86 48.55 38.21
CA ALA N 69 40.43 46.06 40.97
CA GLU N 70 37.79 43.32 41.35
CA SER N 71 34.20 44.44 40.57
CA THR N 72 31.45 41.92 41.42
CA SER N 73 27.67 41.96 41.46
CA GLY N 74 26.32 40.05 44.52
CA ARG N 75 22.89 40.45 46.26
CA GLY N 76 19.17 39.64 46.19
CA GLN N 77 16.69 41.46 48.47
CA CYS N 78 13.79 39.85 46.66
CA LEU N 79 10.41 41.63 46.58
CA LYS N 80 7.27 40.64 44.81
CA ARG N 81 6.80 39.96 41.26
CA ILE N 82 4.73 37.03 42.69
CA ARG N 83 3.05 35.60 39.74
CA TYR N 84 1.61 32.11 39.71
CA HIS N 85 -0.04 29.91 37.09
CA GLY N 86 -3.34 28.99 38.73
CA ARG N 87 -5.33 29.67 41.84
CA GLY N 88 -3.90 28.41 45.07
CA ARG N 89 -0.13 28.85 45.01
CA PHE N 90 3.08 28.66 42.91
CA GLY N 91 4.54 32.08 43.48
CA ILE N 92 8.23 32.04 43.42
CA MET N 93 9.17 35.43 43.77
CA GLU N 94 11.50 36.15 40.89
CA LYS N 95 13.40 39.43 40.87
CA VAL N 96 17.00 39.49 42.19
CA TYR N 97 18.22 43.04 42.87
CA CYS N 98 21.94 43.38 42.94
CA HIS N 99 24.70 45.52 44.27
CA TYR N 100 27.40 46.74 42.25
CA PHE N 101 30.95 46.57 43.57
CA VAL N 102 33.68 48.62 42.00
CA LYS N 103 36.88 48.41 44.06
CA LEU N 104 39.29 50.33 41.84
CA VAL N 105 42.43 51.26 43.82
CA GLU N 106 46.16 50.83 43.24
CA GLY N 107 47.98 49.53 40.17
CA PRO N 108 50.37 46.64 39.63
CA PRO N 109 53.79 47.28 41.30
CA PRO N 110 55.61 47.78 37.92
CA GLY O 1 53.58 24.40 98.43
CA ASP O 2 57.01 25.24 96.91
CA THR O 3 57.77 23.90 93.38
CA VAL O 4 60.65 22.81 91.17
CA GLU O 5 62.04 23.18 87.69
CA ILE O 6 60.13 21.62 84.81
CA LEU O 7 62.55 19.40 82.79
CA GLU O 8 61.86 17.84 79.38
CA GLY O 9 59.82 20.03 76.99
CA LYS O 10 59.74 23.75 77.98
CA ASP O 11 62.49 26.34 78.53
CA ALA O 12 65.14 24.31 80.40
CA GLY O 13 66.57 25.75 83.60
CA LYS O 14 63.68 28.09 84.52
CA GLN O 15 61.70 27.29 87.71
CA GLY O 16 58.24 28.37 88.96
CA LYS O 17 56.76 28.86 92.43
CA VAL O 18 54.03 27.52 94.72
CA VAL O 19 51.02 26.27 92.74
CA GLN O 20 48.43 23.56 93.26
CA VAL O 21 46.46 21.11 91.24
CA ILE O 22 46.95 17.31 91.53
CA ARG O 23 44.49 14.47 90.69
CA GLN O 24 43.62 11.71 88.16
CA ARG O 25 44.86 13.05 84.87
CA ASN O 26 47.16 15.09 87.00
CA TRP O 27 47.40 18.56 85.50
CA VAL O 28 49.64 21.04 87.34
CA VAL O 29 49.64 24.66 86.44
CA VAL O 30 53.13 25.69 87.53
CA GLY O 31 54.36 29.22 87.22
CA GLY O 32 56.95 29.22 84.49
CA LEU O 33 55.96 28.59 80.91
CA ASN O 34 52.63 30.26 80.18
CA THR O 35 50.72 30.53 76.89
CA HIS O 36 49.30 33.58 75.14
CA TYR O 37 45.52 33.19 75.40
CA ARG O 38 43.89 33.71 72.06
CA TYR O 39 40.58 31.93 71.53
CA ILE O 40 37.40 32.75 69.71
CA GLY O 41 35.28 33.14 72.85
CA LYS O 42 31.71 33.79 73.95
CA THR O 43 30.23 35.90 76.80
CA MET O 44 33.31 37.58 78.33
CA ASP O 45 35.54 40.61 77.66
CA TYR O 46 35.13 41.46 73.99
CA ARG O 47 37.57 40.36 71.26
CA GLY O 48 39.56 38.32 73.80
CA THR O 49 42.71 39.28 75.65
CA MET O 50 46.24 37.88 75.86
CA ILE O 51 47.12 37.47 79.54
CA PRO O 52 49.28 34.70 81.22
CA SER O 53 47.35 31.41 81.33
CA GLU O 54 47.35 28.08 83.13
CA ALA O 55 49.46 25.32 81.49
CA PRO O 56 48.72 21.57 82.01
CA LEU O 57 52.19 20.05 82.86
CA LEU O 58 51.06 16.43 83.34
CA HIS O 59 54.51 15.28 84.49
CA ARG O 60 58.08 15.71 83.16
CA GLN O 61 58.80 17.67 86.30
CA VAL O 62 59.45 16.25 89.70
CA LYS O 63 59.13 17.95 92.84
CA LEU O 64 61.76 19.16 95.30
CA VAL O 65 64.57 21.57 94.80
CA ASP O 66 67.25 23.29 96.90
CA PRO O 67 70.17 23.55 96.42
CA MET O 68 69.56 23.26 92.67
CA ASP O 69 68.71 20.03 90.72
CA ARG O 70 65.72 17.63 91.30
CA LYS O 71 64.66 14.03 90.00
CA PRO O 72 63.69 11.25 90.77
CA THR O 73 60.32 10.49 92.28
CA GLU O 74 60.68 8.19 95.37
CA ILE O 75 58.36 6.30 97.90
CA GLU O 76 54.76 7.39 98.69
CA TRP O 77 53.77 8.90 102.06
CA ARG O 78 51.09 6.47 103.27
CA PHE O 79 47.54 5.30 102.49
CA THR O 80 44.67 6.29 104.81
CA GLU O 81 40.89 6.67 104.34
CA ALA O 82 41.74 9.49 101.92
CA GLY O 83 44.30 8.39 99.31
CA GLU O 84 45.35 9.43 95.80
CA ARG O 85 47.92 8.17 93.31
CA VAL O 86 51.35 7.68 94.84
CA ARG O 87 53.11 11.06 94.98
CA VAL O 88 56.67 11.65 96.20
CA SER O 89 60.01 13.44 95.56
CA THR O 90 63.63 12.48 96.30
CA ARG O 91 66.20 13.96 98.76
CA SER O 92 63.53 16.23 100.33
CA GLY O 93 60.34 16.05 102.38
CA ARG O 94 57.00 17.16 101.06
CA ILE O 95 55.67 16.35 97.64
CA ILE O 96 55.15 19.53 95.56
CA ALA P 1 -14.78 -45.58 5.97
CA SER P 2 -16.61 -43.83 3.05
CA LYS P 3 -13.23 -43.61 1.23
CA LYS P 4 -10.21 -41.55 2.23
CA SER P 5 -9.01 -38.36 0.53
CA GLY P 6 -6.59 -38.53 -2.42
CA GLY P 7 -3.59 -40.45 -1.16
CA SER P 8 -0.60 -39.85 -1.61
CA SER P 9 3.02 -39.37 -2.83
CA LYS P 10 3.80 -41.62 0.24
CA ASN P 11 7.34 -42.57 1.27
CA LEU P 12 9.28 -45.87 1.45
CA GLY P 13 7.82 -46.14 4.95
CA GLY P 14 8.80 -49.03 7.16
CA LYS P 15 11.61 -49.96 8.30
CA SER P 16 12.57 -51.89 5.17
CA SER P 17 16.13 -53.21 4.97
CA GLY P 18 17.72 -53.10 1.60
CA ARG P 19 20.94 -53.32 0.28
CA ARG P 20 24.44 -53.97 1.44
CA GLN P 21 25.79 -55.88 4.42
CA GLY P 22 29.22 -57.60 4.11
CA ILE P 23 31.16 -55.73 1.40
CA LYS P 24 34.49 -56.17 -0.43
CA LYS P 25 37.55 -57.76 1.22
CA MET P 26 36.20 -57.60 4.76
CA GLU P 27 35.59 -59.84 7.75
CA GLY P 28 32.71 -62.29 7.20
CA HIS P 29 33.09 -66.06 7.81
CA TYR P 30 29.32 -66.22 8.27
CA VAL P 31 25.93 -65.51 6.64
CA HIS P 32 23.65 -62.52 5.72
CA ALA P 33 25.94 -60.59 3.36
CA GLY P 34 24.16 -58.90 0.46
CA ASN P 35 20.77 -57.18 0.53
CA ILE P 36 17.18 -58.09 1.43
CA ILE P 37 15.10 -60.48 -0.57
CA ALA P 38 13.60 -63.96 0.12
CA THR P 39 15.41 -66.75 1.98
CA GLN P 40 17.95 -68.76 -0.06
CA ARG P 41 21.33 -70.38 0.52
CA HIS P 42 23.86 -71.75 -1.96
CA PHE P 43 27.09 -70.00 -0.87
CA ARG P 44 30.58 -70.53 0.46
CA TRP P 45 31.27 -66.83 0.50
CA HIS P 46 32.68 -65.07 -2.51
CA PRO P 47 32.46 -65.04 -5.45
CA GLY P 48 29.45 -62.90 -6.13
CA ALA P 49 28.25 -62.99 -9.78
CA HIS P 50 25.15 -61.80 -11.74
CA VAL P 51 24.36 -61.02 -15.40
CA GLY P 52 27.12 -58.78 -16.83
CA VAL P 53 30.91 -59.12 -17.04
CA GLY P 54 31.37 -60.19 -13.41
CA LYS P 55 31.06 -58.99 -9.82
CA ASN P 56 33.54 -58.74 -6.94
CA LYS P 57 35.14 -61.23 -4.54
CA CYS P 58 36.27 -60.56 -0.94
CA LEU P 59 39.05 -61.93 1.23
CA TYR P 60 37.26 -63.87 4.01
CA ALA P 61 37.64 -66.83 6.31
CA LEU P 62 34.94 -69.30 5.20
CA GLU P 63 32.07 -71.61 6.05
CA GLU P 64 28.92 -71.35 3.94
CA GLY P 65 27.94 -67.73 3.59
CA ILE P 66 24.56 -66.94 2.09
CA VAL P 67 23.93 -64.21 -0.46
CA ARG P 68 20.36 -63.09 -0.62
CA TYR P 69 18.69 -64.45 -3.78
CA ALA Q 1 -6.95 -51.02 11.69
CA LYS Q 2 -10.54 -52.46 11.42
CA SER Q 3 -11.86 -54.25 14.53
CA LYS Q 4 -11.80 -58.08 14.65
CA SER Q 5 -14.33 -59.34 12.07
CA LYS Q 6 -14.52 -61.47 8.89
CA ASN Q 7 -12.77 -59.06 6.52
CA ILE Q 8 -9.50 -58.63 4.54
CA LEU Q 9 -6.51 -60.29 6.30
CA VAL Q 10 -4.96 -57.95 8.88
CA ARG Q 11 -2.50 -57.55 11.77
CA MET Q 12 -1.06 -61.01 12.50
CA VAL Q 13 2.67 -61.27 13.29
CA SER Q 14 4.29 -63.69 15.75
CA GLU Q 15 7.77 -64.10 17.23
CA ALA Q 16 10.50 -66.76 16.83
CA GLY Q 17 10.07 -67.86 20.48
CA THR Q 18 12.04 -65.38 22.56
CA GLY Q 19 14.08 -63.69 19.76
CA PHE Q 20 12.09 -60.58 18.78
CA CYS Q 21 11.35 -60.53 15.08
CA PHE Q 22 7.84 -59.56 13.98
CA ASN Q 23 7.73 -61.08 10.49
CA THR Q 24 4.91 -60.66 7.87
CA LYS Q 25 1.30 -59.82 8.82
CA ARG Q 26 -1.20 -61.84 6.79
CA ASN Q 27 -4.08 -64.26 7.47
CA ARG Q 28 -6.14 -64.58 4.23
CA LEU Q 29 -6.10 -68.36 3.93
CA ARG Q 30 -7.70 -71.37 5.70
CA GLU Q 31 -7.75 -72.35 9.45
CA LYS Q 32 -5.25 -70.53 11.74
CA LEU Q 33 -2.01 -72.27 10.88
CA THR Q 34 0.04 -69.17 10.13
CA LEU Q 35 3.18 -70.68 11.67
CA LEU Q 36 6.14 -70.76 9.36
CA HIS Q 37 9.68 -71.74 10.00
CA TYR Q 38 12.31 -69.12 9.15
CA ASP Q 39 15.46 -67.40 10.39
CA PRO Q 40 14.97 -64.67 13.00
CA VAL Q 41 18.00 -62.36 13.17
CA VAL Q 42 19.94 -63.89 16.12
CA LYS Q 43 21.06 -67.58 16.38
CA GLN Q 44 19.86 -70.40 14.03
CA ARG Q 45 16.38 -70.85 12.48
CA VAL Q 46 13.80 -71.10 15.27
CA LEU Q 47 10.20 -72.44 15.46
CA PHE Q 48 7.75 -69.57 15.05
CA VAL Q 49 4.14 -69.03 14.62
CA GLU Q 50 2.85 -66.17 12.75
CA LYS Q 51 -0.37 -66.14 14.80
CA LYS Q 52 -2.94 -63.99 16.67
CA TYR R 1 -11.40 7.27 55.17
CA GLN R 2 -12.53 7.90 58.79
CA PRO R 3 -14.53 5.63 60.29
CA SER R 4 -13.76 6.78 63.85
CA ASN R 5 -15.60 4.16 65.97
CA ILE R 6 -17.53 1.06 65.01
CA LYS R 7 -14.18 -0.45 65.57
CA ARG R 8 -11.41 1.95 66.59
CA LYS R 9 -8.87 0.19 68.81
CA ASN R 10 -11.70 -2.42 69.02
CA LYS R 11 -10.41 -4.21 65.90
CA HIS R 12 -6.65 -3.69 65.48
CA GLY R 13 -5.00 -2.18 68.51
CA TRP R 14 -2.94 -3.70 71.33
CA VAL R 15 -6.09 -4.51 73.26
CA ARG R 16 -8.04 -6.99 71.09
CA ARG R 17 -4.67 -8.11 69.58
CA LEU R 18 -3.88 -9.93 72.81
CA SER R 19 -7.17 -11.92 73.33
CA THR R 20 -6.73 -14.39 70.45
CA PRO R 21 -3.69 -16.79 70.31
CA ALA R 22 -3.63 -15.54 66.70
CA GLY R 23 -2.88 -11.81 67.00
CA VAL R 24 -0.40 -12.30 69.86
CA GLN R 25 2.23 -13.40 67.26
CA VAL R 26 1.43 -10.15 65.41
CA ILE R 27 2.64 -8.30 68.55
CA LEU R 28 5.69 -10.61 69.25
CA ARG R 29 7.28 -9.75 65.88
CA ARG R 30 6.93 -6.17 64.39
CA MET R 31 7.97 -5.15 67.91
CA LEU R 32 11.03 -7.02 69.24
CA LYS R 33 11.68 -6.64 65.46
CA GLY R 34 13.45 -3.26 65.07
CA ARG R 35 11.09 -0.48 66.20
CA LYS R 36 7.31 0.11 65.84
CA SER R 37 4.52 1.71 67.90
CA LEU R 38 1.72 -0.96 67.74
#